data_9CWU
#
_entry.id   9CWU
#
_cell.length_a   45.560
_cell.length_b   70.870
_cell.length_c   91.120
_cell.angle_alpha   90.000
_cell.angle_beta   93.060
_cell.angle_gamma   90.000
#
_symmetry.space_group_name_H-M   'P 1 21 1'
#
loop_
_entity.id
_entity.type
_entity.pdbx_description
1 polymer Ribokinase
2 non-polymer GLYCEROL
3 non-polymer 'POTASSIUM ION'
4 water water
#
_entity_poly.entity_id   1
_entity_poly.type   'polypeptide(L)'
_entity_poly.pdbx_seq_one_letter_code
;MAASGEPQRQWQEEVAAVVVVGSCMTDLVSLTSRLPKTGETIHGHKFFIGFGGKGANQCVQAARLGAMTSMVCKVGKDSF
GNDYIENLKQNDISTEFTYQTKDAATGTASIIVNNEGQNIIVIVAGANLLLNTEDLRAAANVISRAKVMVCQLEITPATS
LEALTMARRSGVKTLFNPAPAIADLDPQFYTLSDVFCCNESEAEILTGLTVGSAADAGEAALVLLKRGCQVVIITLGAEG
CVVLSQTEPEPKHIPTEKVKAVDTTGAGDSFVGALAFYLAYYPNLSLEDMLNRSNFIAAVSVQAAGTQSSYPYKKDLPLT
LFLEHHHHHH
;
_entity_poly.pdbx_strand_id   A,B
#
loop_
_chem_comp.id
_chem_comp.type
_chem_comp.name
_chem_comp.formula
GOL non-polymer GLYCEROL 'C3 H8 O3'
K non-polymer 'POTASSIUM ION' 'K 1'
#
# COMPACT_ATOMS: atom_id res chain seq x y z
N VAL A 15 -2.87 -24.95 26.08
CA VAL A 15 -3.58 -23.76 26.67
C VAL A 15 -2.73 -22.51 26.44
N ALA A 16 -3.32 -21.54 25.77
CA ALA A 16 -2.65 -20.29 25.50
C ALA A 16 -2.56 -19.48 26.80
N ALA A 17 -1.33 -19.17 27.21
CA ALA A 17 -1.12 -18.33 28.40
C ALA A 17 -1.22 -16.81 28.10
N VAL A 18 -0.80 -16.43 26.88
CA VAL A 18 -0.85 -15.07 26.39
C VAL A 18 -1.87 -14.98 25.27
N VAL A 19 -2.93 -14.22 25.46
CA VAL A 19 -3.94 -13.94 24.46
C VAL A 19 -3.85 -12.48 24.09
N VAL A 20 -3.63 -12.21 22.82
CA VAL A 20 -3.60 -10.87 22.27
C VAL A 20 -4.85 -10.61 21.48
N VAL A 21 -5.65 -9.65 21.93
CA VAL A 21 -6.83 -9.20 21.27
C VAL A 21 -6.52 -7.92 20.59
N GLY A 22 -6.29 -7.90 19.29
CA GLY A 22 -5.83 -6.70 18.63
C GLY A 22 -5.58 -6.86 17.17
N SER A 23 -4.62 -6.17 16.61
CA SER A 23 -4.60 -5.82 15.19
C SER A 23 -3.58 -6.64 14.42
N CYS A 24 -3.93 -6.91 13.15
CA CYS A 24 -3.02 -7.37 12.11
C CYS A 24 -3.13 -6.40 10.94
N MET A 25 -1.98 -6.03 10.37
N MET A 25 -1.98 -6.03 10.37
CA MET A 25 -1.92 -5.08 9.27
CA MET A 25 -1.94 -5.12 9.25
C MET A 25 -0.90 -5.59 8.27
C MET A 25 -0.90 -5.61 8.26
N THR A 26 -1.25 -5.58 6.97
CA THR A 26 -0.26 -5.84 5.92
C THR A 26 0.52 -4.55 5.67
N ASP A 27 1.86 -4.65 5.71
CA ASP A 27 2.75 -3.53 5.46
C ASP A 27 3.06 -3.52 3.97
N LEU A 28 2.75 -2.41 3.29
CA LEU A 28 2.99 -2.23 1.87
C LEU A 28 4.05 -1.14 1.75
N VAL A 29 5.28 -1.53 1.49
CA VAL A 29 6.42 -0.67 1.68
C VAL A 29 7.05 -0.31 0.34
N SER A 30 7.21 0.98 0.06
CA SER A 30 7.97 1.52 -1.05
C SER A 30 9.20 2.26 -0.56
N LEU A 31 10.35 1.89 -1.13
CA LEU A 31 11.62 2.52 -0.82
C LEU A 31 11.93 3.56 -1.88
N THR A 32 12.28 4.80 -1.43
CA THR A 32 12.52 5.92 -2.31
C THR A 32 13.77 6.67 -1.86
N SER A 33 14.21 7.63 -2.66
CA SER A 33 15.36 8.43 -2.29
C SER A 33 14.94 9.69 -1.54
N ARG A 34 13.67 10.07 -1.65
CA ARG A 34 13.12 11.24 -0.98
C ARG A 34 11.65 10.98 -0.69
N LEU A 35 11.08 11.57 0.37
CA LEU A 35 9.65 11.45 0.63
C LEU A 35 8.87 12.46 -0.21
N PRO A 36 7.77 12.03 -0.84
CA PRO A 36 6.92 12.93 -1.61
C PRO A 36 6.11 13.84 -0.68
N LYS A 37 5.92 15.07 -1.17
CA LYS A 37 4.97 16.02 -0.59
C LYS A 37 3.66 16.02 -1.36
N THR A 38 2.65 16.70 -0.79
N THR A 38 2.65 16.70 -0.79
CA THR A 38 1.31 16.74 -1.37
CA THR A 38 1.33 16.82 -1.38
C THR A 38 1.40 17.11 -2.85
C THR A 38 1.42 17.12 -2.87
N GLY A 39 0.67 16.34 -3.67
CA GLY A 39 0.55 16.58 -5.09
C GLY A 39 1.62 15.89 -5.92
N GLU A 40 2.65 15.31 -5.28
CA GLU A 40 3.76 14.74 -6.03
C GLU A 40 3.57 13.26 -6.36
N THR A 41 3.97 12.92 -7.59
CA THR A 41 4.21 11.54 -8.00
C THR A 41 5.72 11.34 -8.14
N ILE A 42 6.25 10.31 -7.48
CA ILE A 42 7.67 9.99 -7.58
C ILE A 42 7.82 8.51 -7.90
N HIS A 43 9.05 8.11 -8.24
CA HIS A 43 9.39 6.70 -8.39
C HIS A 43 10.18 6.25 -7.18
N GLY A 44 9.89 5.04 -6.73
CA GLY A 44 10.75 4.34 -5.80
C GLY A 44 11.52 3.23 -6.51
N HIS A 45 12.45 2.59 -5.81
CA HIS A 45 13.35 1.61 -6.39
C HIS A 45 13.03 0.19 -5.93
N LYS A 46 12.16 0.04 -4.92
CA LYS A 46 11.79 -1.27 -4.42
C LYS A 46 10.47 -1.19 -3.70
N PHE A 47 9.64 -2.24 -3.87
CA PHE A 47 8.44 -2.45 -3.11
C PHE A 47 8.50 -3.83 -2.48
N PHE A 48 8.00 -3.95 -1.26
CA PHE A 48 7.86 -5.25 -0.64
C PHE A 48 6.72 -5.24 0.38
N ILE A 49 6.29 -6.45 0.76
CA ILE A 49 5.20 -6.65 1.68
C ILE A 49 5.80 -7.22 2.96
N GLY A 50 5.32 -6.72 4.09
CA GLY A 50 5.65 -7.31 5.36
C GLY A 50 4.42 -7.39 6.26
N PHE A 51 4.60 -8.01 7.41
CA PHE A 51 3.54 -8.24 8.34
C PHE A 51 3.70 -7.32 9.55
N GLY A 52 2.62 -6.61 9.86
CA GLY A 52 2.66 -5.66 10.98
C GLY A 52 1.35 -5.68 11.76
N GLY A 53 1.03 -4.54 12.37
CA GLY A 53 -0.05 -4.46 13.34
C GLY A 53 0.50 -4.66 14.75
N LYS A 54 0.16 -3.70 15.65
CA LYS A 54 0.72 -3.78 16.98
C LYS A 54 0.37 -5.08 17.71
N GLY A 55 -0.87 -5.59 17.51
CA GLY A 55 -1.26 -6.79 18.22
C GLY A 55 -0.42 -7.99 17.76
N ALA A 56 -0.38 -8.19 16.44
CA ALA A 56 0.40 -9.28 15.88
C ALA A 56 1.89 -9.16 16.19
N ASN A 57 2.42 -7.90 16.16
CA ASN A 57 3.83 -7.72 16.49
C ASN A 57 4.12 -8.18 17.93
N GLN A 58 3.26 -7.77 18.87
CA GLN A 58 3.43 -8.15 20.27
C GLN A 58 3.32 -9.65 20.45
N CYS A 59 2.33 -10.25 19.75
CA CYS A 59 2.09 -11.69 19.86
C CYS A 59 3.29 -12.45 19.32
N VAL A 60 3.87 -11.99 18.21
CA VAL A 60 5.04 -12.59 17.63
C VAL A 60 6.24 -12.59 18.58
N GLN A 61 6.54 -11.42 19.21
CA GLN A 61 7.65 -11.42 20.16
C GLN A 61 7.39 -12.38 21.30
N ALA A 62 6.17 -12.36 21.87
CA ALA A 62 5.89 -13.28 22.99
C ALA A 62 6.11 -14.74 22.56
N ALA A 63 5.58 -15.10 21.37
CA ALA A 63 5.68 -16.48 20.89
C ALA A 63 7.12 -16.88 20.70
N ARG A 64 7.94 -15.97 20.15
CA ARG A 64 9.34 -16.28 19.89
C ARG A 64 10.14 -16.50 21.17
N LEU A 65 9.67 -15.95 22.31
CA LEU A 65 10.32 -16.16 23.58
C LEU A 65 9.86 -17.46 24.22
N GLY A 66 8.86 -18.13 23.59
CA GLY A 66 8.40 -19.42 24.07
C GLY A 66 6.97 -19.44 24.61
N ALA A 67 6.27 -18.30 24.59
CA ALA A 67 4.89 -18.28 25.03
C ALA A 67 4.02 -19.12 24.09
N MET A 68 3.04 -19.78 24.72
CA MET A 68 1.87 -20.28 24.03
C MET A 68 0.88 -19.14 23.89
N THR A 69 0.73 -18.67 22.65
CA THR A 69 -0.06 -17.49 22.35
C THR A 69 -1.21 -17.79 21.42
N SER A 70 -2.18 -16.92 21.48
CA SER A 70 -3.34 -16.95 20.62
C SER A 70 -3.68 -15.50 20.25
N MET A 71 -3.83 -15.25 18.96
CA MET A 71 -4.17 -13.97 18.38
C MET A 71 -5.63 -13.89 18.04
N VAL A 72 -6.40 -13.12 18.78
CA VAL A 72 -7.78 -12.78 18.56
C VAL A 72 -7.89 -11.58 17.69
N CYS A 73 -8.26 -11.68 16.44
CA CYS A 73 -8.12 -10.63 15.48
C CYS A 73 -9.04 -10.94 14.29
N LYS A 74 -9.18 -9.97 13.41
CA LYS A 74 -9.99 -10.09 12.23
C LYS A 74 -9.22 -9.50 11.06
N VAL A 75 -9.11 -10.32 10.01
CA VAL A 75 -8.52 -9.94 8.75
C VAL A 75 -9.61 -10.12 7.66
N GLY A 76 -9.28 -9.68 6.46
CA GLY A 76 -10.21 -9.86 5.33
C GLY A 76 -10.22 -11.31 4.84
N LYS A 77 -11.38 -11.64 4.25
CA LYS A 77 -11.46 -12.84 3.44
C LYS A 77 -10.88 -12.52 2.07
N ASP A 78 -9.55 -12.40 2.08
CA ASP A 78 -8.78 -11.90 0.97
C ASP A 78 -7.35 -12.43 1.05
N SER A 79 -6.61 -12.28 -0.07
CA SER A 79 -5.23 -12.74 -0.19
C SER A 79 -4.39 -12.29 1.01
N PHE A 80 -4.46 -10.99 1.37
CA PHE A 80 -3.63 -10.48 2.45
C PHE A 80 -3.98 -11.18 3.75
N GLY A 81 -5.28 -11.41 3.98
CA GLY A 81 -5.74 -12.09 5.18
C GLY A 81 -5.25 -13.55 5.27
N ASN A 82 -5.35 -14.28 4.15
CA ASN A 82 -4.85 -15.64 4.11
C ASN A 82 -3.34 -15.67 4.37
N ASP A 83 -2.63 -14.72 3.78
CA ASP A 83 -1.18 -14.62 4.01
C ASP A 83 -0.85 -14.30 5.48
N TYR A 84 -1.73 -13.49 6.12
CA TYR A 84 -1.48 -13.13 7.51
C TYR A 84 -1.67 -14.35 8.42
N ILE A 85 -2.69 -15.18 8.14
CA ILE A 85 -2.89 -16.36 8.94
C ILE A 85 -1.65 -17.26 8.82
N GLU A 86 -1.12 -17.43 7.60
CA GLU A 86 0.10 -18.19 7.41
C GLU A 86 1.27 -17.62 8.22
N ASN A 87 1.39 -16.29 8.27
CA ASN A 87 2.44 -15.64 9.06
C ASN A 87 2.32 -16.00 10.55
N LEU A 88 1.11 -15.95 11.07
CA LEU A 88 0.87 -16.37 12.42
C LEU A 88 1.28 -17.81 12.68
N LYS A 89 0.86 -18.71 11.78
N LYS A 89 0.86 -18.71 11.78
CA LYS A 89 1.16 -20.12 11.95
CA LYS A 89 1.17 -20.12 11.94
C LYS A 89 2.68 -20.34 11.91
C LYS A 89 2.68 -20.34 11.91
N GLN A 90 3.37 -19.63 11.01
CA GLN A 90 4.82 -19.77 10.90
C GLN A 90 5.56 -19.32 12.18
N ASN A 91 4.91 -18.46 12.99
CA ASN A 91 5.45 -18.01 14.26
C ASN A 91 4.87 -18.80 15.44
N ASP A 92 4.22 -19.95 15.19
CA ASP A 92 3.72 -20.85 16.22
C ASP A 92 2.65 -20.19 17.11
N ILE A 93 1.91 -19.27 16.48
CA ILE A 93 0.79 -18.62 17.12
C ILE A 93 -0.50 -19.37 16.78
N SER A 94 -1.34 -19.61 17.79
CA SER A 94 -2.64 -20.19 17.55
C SER A 94 -3.49 -19.23 16.72
N THR A 95 -4.11 -19.73 15.66
CA THR A 95 -5.01 -18.96 14.81
C THR A 95 -6.47 -19.45 14.93
N GLU A 96 -6.79 -20.10 16.05
CA GLU A 96 -8.14 -20.48 16.35
C GLU A 96 -9.13 -19.35 16.43
N PHE A 97 -8.66 -18.11 16.68
CA PHE A 97 -9.54 -16.95 16.82
C PHE A 97 -9.17 -15.83 15.85
N THR A 98 -8.48 -16.21 14.76
CA THR A 98 -8.25 -15.32 13.65
C THR A 98 -9.43 -15.39 12.70
N TYR A 99 -10.30 -14.40 12.81
CA TYR A 99 -11.50 -14.30 11.98
C TYR A 99 -11.22 -13.65 10.63
N GLN A 100 -12.12 -13.94 9.65
CA GLN A 100 -12.08 -13.29 8.36
C GLN A 100 -13.45 -12.64 8.12
N THR A 101 -13.47 -11.62 7.25
CA THR A 101 -14.72 -10.94 6.94
C THR A 101 -14.70 -10.57 5.46
N LYS A 102 -15.86 -10.79 4.78
CA LYS A 102 -16.01 -10.26 3.45
C LYS A 102 -16.40 -8.78 3.44
N ASP A 103 -16.61 -8.15 4.61
CA ASP A 103 -17.22 -6.84 4.68
C ASP A 103 -16.13 -5.75 4.73
N ALA A 104 -14.86 -6.12 4.82
CA ALA A 104 -13.76 -5.15 4.83
C ALA A 104 -12.47 -5.84 4.40
N ALA A 105 -11.57 -5.07 3.79
CA ALA A 105 -10.24 -5.57 3.47
C ALA A 105 -9.40 -5.73 4.72
N THR A 106 -8.40 -6.62 4.68
CA THR A 106 -7.39 -6.70 5.73
C THR A 106 -6.84 -5.30 5.96
N GLY A 107 -6.55 -5.01 7.23
CA GLY A 107 -5.92 -3.73 7.58
C GLY A 107 -4.59 -3.57 6.86
N THR A 108 -4.28 -2.33 6.47
CA THR A 108 -3.09 -2.01 5.71
C THR A 108 -2.30 -0.87 6.36
N ALA A 109 -1.00 -0.92 6.14
CA ALA A 109 -0.11 0.21 6.41
C ALA A 109 0.67 0.45 5.13
N SER A 110 0.37 1.56 4.45
N SER A 110 0.37 1.56 4.45
CA SER A 110 1.12 1.97 3.30
CA SER A 110 1.08 2.00 3.27
C SER A 110 2.25 2.87 3.76
C SER A 110 2.23 2.88 3.73
N ILE A 111 3.48 2.41 3.51
CA ILE A 111 4.66 3.00 4.06
C ILE A 111 5.57 3.42 2.93
N ILE A 112 6.02 4.68 2.99
CA ILE A 112 7.04 5.17 2.09
C ILE A 112 8.27 5.48 2.94
N VAL A 113 9.42 4.91 2.59
CA VAL A 113 10.62 5.03 3.39
C VAL A 113 11.73 5.58 2.50
N ASN A 114 12.45 6.59 2.98
CA ASN A 114 13.61 7.10 2.25
C ASN A 114 14.89 6.39 2.72
N ASN A 115 16.04 6.69 2.11
CA ASN A 115 17.26 5.90 2.32
C ASN A 115 17.86 6.14 3.70
N GLU A 116 17.41 7.17 4.40
CA GLU A 116 17.85 7.46 5.76
C GLU A 116 16.81 7.00 6.77
N GLY A 117 15.76 6.32 6.29
CA GLY A 117 14.80 5.68 7.19
C GLY A 117 13.68 6.58 7.68
N GLN A 118 13.56 7.81 7.19
CA GLN A 118 12.37 8.59 7.45
C GLN A 118 11.19 8.07 6.64
N ASN A 119 9.98 8.19 7.19
CA ASN A 119 8.84 7.58 6.55
C ASN A 119 7.59 8.44 6.62
N ILE A 120 6.68 8.12 5.69
N ILE A 120 6.68 8.18 5.68
CA ILE A 120 5.30 8.51 5.73
CA ILE A 120 5.28 8.52 5.84
C ILE A 120 4.48 7.23 5.81
C ILE A 120 4.48 7.23 5.82
N ILE A 121 3.47 7.20 6.68
CA ILE A 121 2.66 5.99 6.88
C ILE A 121 1.18 6.36 6.82
N VAL A 122 0.41 5.61 6.05
CA VAL A 122 -1.04 5.70 6.07
C VAL A 122 -1.60 4.34 6.48
N ILE A 123 -2.29 4.32 7.61
CA ILE A 123 -2.90 3.09 8.12
C ILE A 123 -4.39 3.13 7.79
N VAL A 124 -4.90 2.02 7.23
CA VAL A 124 -6.33 1.85 7.12
C VAL A 124 -6.68 0.60 7.93
N ALA A 125 -7.43 0.78 9.01
CA ALA A 125 -7.63 -0.28 9.96
C ALA A 125 -8.42 -1.43 9.31
N GLY A 126 -9.39 -1.10 8.47
CA GLY A 126 -10.07 -2.15 7.69
C GLY A 126 -10.74 -3.18 8.60
N ALA A 127 -10.51 -4.46 8.27
CA ALA A 127 -11.14 -5.55 8.98
C ALA A 127 -10.89 -5.55 10.49
N ASN A 128 -9.79 -4.94 10.95
CA ASN A 128 -9.55 -4.85 12.37
C ASN A 128 -10.72 -4.18 13.11
N LEU A 129 -11.40 -3.21 12.48
CA LEU A 129 -12.48 -2.51 13.16
C LEU A 129 -13.76 -3.33 13.23
N LEU A 130 -13.82 -4.45 12.47
CA LEU A 130 -15.00 -5.30 12.48
C LEU A 130 -14.93 -6.43 13.49
N LEU A 131 -13.77 -6.58 14.15
CA LEU A 131 -13.73 -7.50 15.27
C LEU A 131 -14.77 -7.03 16.29
N ASN A 132 -15.73 -7.87 16.67
CA ASN A 132 -16.96 -7.42 17.31
C ASN A 132 -17.26 -8.25 18.56
N THR A 133 -18.41 -7.94 19.19
CA THR A 133 -18.81 -8.56 20.44
C THR A 133 -19.01 -10.06 20.24
N GLU A 134 -19.58 -10.43 19.08
CA GLU A 134 -19.88 -11.83 18.79
C GLU A 134 -18.56 -12.60 18.68
N ASP A 135 -17.55 -11.96 18.12
CA ASP A 135 -16.23 -12.54 17.98
C ASP A 135 -15.58 -12.77 19.34
N LEU A 136 -15.70 -11.79 20.23
CA LEU A 136 -15.11 -11.95 21.55
C LEU A 136 -15.89 -12.97 22.37
N ARG A 137 -17.23 -13.06 22.18
CA ARG A 137 -18.03 -14.06 22.88
C ARG A 137 -17.58 -15.45 22.44
N ALA A 138 -17.19 -15.61 21.16
CA ALA A 138 -16.73 -16.92 20.71
C ALA A 138 -15.36 -17.24 21.30
N ALA A 139 -14.57 -16.15 21.55
CA ALA A 139 -13.23 -16.28 22.11
C ALA A 139 -13.28 -16.19 23.63
N ALA A 140 -14.48 -16.10 24.21
CA ALA A 140 -14.65 -15.85 25.64
C ALA A 140 -13.92 -16.91 26.43
N ASN A 141 -14.03 -18.17 25.99
CA ASN A 141 -13.41 -19.26 26.74
C ASN A 141 -11.88 -19.14 26.70
N VAL A 142 -11.28 -18.83 25.55
CA VAL A 142 -9.81 -18.68 25.49
C VAL A 142 -9.31 -17.48 26.30
N ILE A 143 -10.04 -16.35 26.25
CA ILE A 143 -9.64 -15.18 27.02
C ILE A 143 -9.68 -15.54 28.49
N SER A 144 -10.75 -16.24 28.92
N SER A 144 -10.75 -16.22 28.92
CA SER A 144 -11.03 -16.46 30.33
CA SER A 144 -11.01 -16.43 30.34
C SER A 144 -9.96 -17.35 30.94
C SER A 144 -9.96 -17.36 30.94
N ARG A 145 -9.34 -18.21 30.12
CA ARG A 145 -8.41 -19.22 30.61
C ARG A 145 -6.95 -18.80 30.49
N ALA A 146 -6.69 -17.60 29.95
CA ALA A 146 -5.34 -17.10 29.79
C ALA A 146 -4.78 -16.57 31.13
N LYS A 147 -3.45 -16.34 31.16
N LYS A 147 -3.46 -16.35 31.15
CA LYS A 147 -2.82 -15.63 32.24
CA LYS A 147 -2.81 -15.63 32.25
C LYS A 147 -2.80 -14.13 31.98
C LYS A 147 -2.80 -14.13 31.98
N VAL A 148 -2.57 -13.74 30.71
CA VAL A 148 -2.46 -12.33 30.34
C VAL A 148 -3.25 -12.11 29.06
N MET A 149 -4.07 -11.04 29.05
CA MET A 149 -4.73 -10.52 27.89
C MET A 149 -4.09 -9.20 27.53
N VAL A 150 -3.56 -9.08 26.33
CA VAL A 150 -2.92 -7.89 25.79
C VAL A 150 -3.83 -7.22 24.79
N CYS A 151 -4.05 -5.93 24.85
N CYS A 151 -4.00 -5.91 24.85
CA CYS A 151 -4.77 -5.21 23.83
CA CYS A 151 -4.84 -5.14 23.96
C CYS A 151 -4.17 -3.83 23.59
C CYS A 151 -4.16 -3.83 23.59
N GLN A 152 -4.52 -3.26 22.45
CA GLN A 152 -4.08 -1.95 22.01
C GLN A 152 -5.28 -1.13 21.55
N LEU A 153 -5.03 -0.08 20.73
CA LEU A 153 -6.11 0.74 20.24
C LEU A 153 -6.07 0.78 18.70
N GLU A 154 -5.75 -0.37 18.08
CA GLU A 154 -5.82 -0.48 16.62
C GLU A 154 -7.03 -1.31 16.15
N ILE A 155 -7.88 -1.69 17.06
CA ILE A 155 -9.21 -2.20 16.73
C ILE A 155 -10.19 -1.15 17.25
N THR A 156 -11.48 -1.44 17.20
CA THR A 156 -12.48 -0.51 17.71
C THR A 156 -12.27 -0.38 19.21
N PRO A 157 -12.16 0.85 19.79
CA PRO A 157 -11.88 0.97 21.22
C PRO A 157 -12.90 0.22 22.08
N ALA A 158 -14.19 0.26 21.68
CA ALA A 158 -15.21 -0.46 22.44
C ALA A 158 -14.91 -1.96 22.49
N THR A 159 -14.30 -2.54 21.43
CA THR A 159 -13.94 -3.95 21.43
C THR A 159 -12.74 -4.21 22.35
N SER A 160 -11.73 -3.33 22.39
CA SER A 160 -10.68 -3.45 23.39
C SER A 160 -11.22 -3.34 24.81
N LEU A 161 -12.18 -2.42 25.06
CA LEU A 161 -12.78 -2.27 26.37
C LEU A 161 -13.51 -3.55 26.78
N GLU A 162 -14.19 -4.19 25.82
CA GLU A 162 -14.92 -5.43 26.09
C GLU A 162 -13.97 -6.56 26.44
N ALA A 163 -12.83 -6.63 25.72
CA ALA A 163 -11.82 -7.63 26.01
C ALA A 163 -11.24 -7.43 27.41
N LEU A 164 -10.92 -6.19 27.77
CA LEU A 164 -10.44 -5.89 29.12
C LEU A 164 -11.48 -6.30 30.15
N THR A 165 -12.76 -5.98 29.88
CA THR A 165 -13.84 -6.29 30.79
C THR A 165 -13.91 -7.81 31.00
N MET A 166 -13.86 -8.54 29.90
CA MET A 166 -13.99 -9.99 29.98
C MET A 166 -12.81 -10.57 30.77
N ALA A 167 -11.61 -10.06 30.46
CA ALA A 167 -10.44 -10.52 31.18
C ALA A 167 -10.56 -10.21 32.67
N ARG A 168 -10.92 -8.97 33.02
CA ARG A 168 -11.01 -8.59 34.43
C ARG A 168 -12.01 -9.49 35.15
N ARG A 169 -13.15 -9.76 34.52
CA ARG A 169 -14.22 -10.56 35.11
C ARG A 169 -13.72 -11.96 35.44
N SER A 170 -12.76 -12.46 34.67
CA SER A 170 -12.20 -13.78 34.88
C SER A 170 -10.90 -13.80 35.68
N GLY A 171 -10.46 -12.64 36.19
CA GLY A 171 -9.23 -12.59 36.98
C GLY A 171 -7.97 -12.73 36.13
N VAL A 172 -8.09 -12.44 34.81
CA VAL A 172 -6.97 -12.51 33.90
C VAL A 172 -6.26 -11.15 33.96
N LYS A 173 -4.92 -11.18 33.99
CA LYS A 173 -4.13 -9.95 34.05
C LYS A 173 -4.26 -9.21 32.73
N THR A 174 -4.58 -7.93 32.80
CA THR A 174 -4.75 -7.07 31.65
C THR A 174 -3.50 -6.23 31.42
N LEU A 175 -2.98 -6.30 30.20
N LEU A 175 -2.99 -6.30 30.20
CA LEU A 175 -1.88 -5.48 29.74
CA LEU A 175 -1.89 -5.49 29.72
C LEU A 175 -2.42 -4.63 28.60
C LEU A 175 -2.43 -4.62 28.61
N PHE A 176 -2.60 -3.34 28.86
CA PHE A 176 -3.22 -2.44 27.94
C PHE A 176 -2.15 -1.48 27.41
N ASN A 177 -2.05 -1.33 26.11
CA ASN A 177 -1.12 -0.50 25.39
C ASN A 177 -1.95 0.51 24.63
N PRO A 178 -2.19 1.75 25.08
CA PRO A 178 -3.11 2.70 24.47
C PRO A 178 -2.44 3.36 23.28
N ALA A 179 -2.33 2.59 22.22
CA ALA A 179 -1.53 2.95 21.07
C ALA A 179 -2.28 2.61 19.79
N PRO A 180 -2.42 3.56 18.86
CA PRO A 180 -2.12 4.99 19.06
C PRO A 180 -3.07 5.60 20.09
N ALA A 181 -2.59 6.65 20.77
CA ALA A 181 -3.34 7.21 21.88
C ALA A 181 -4.45 8.12 21.36
N ILE A 182 -5.51 8.21 22.20
CA ILE A 182 -6.67 9.04 22.04
C ILE A 182 -6.73 9.96 23.26
N ALA A 183 -6.98 11.25 23.10
CA ALA A 183 -6.91 12.19 24.22
C ALA A 183 -7.92 11.85 25.32
N ASP A 184 -9.17 11.59 24.97
CA ASP A 184 -10.19 11.38 25.99
C ASP A 184 -10.67 9.93 25.97
N LEU A 185 -9.80 9.04 26.43
CA LEU A 185 -10.15 7.63 26.60
C LEU A 185 -11.24 7.48 27.65
N ASP A 186 -12.12 6.50 27.43
CA ASP A 186 -13.09 6.17 28.46
C ASP A 186 -12.34 5.92 29.77
N PRO A 187 -12.77 6.49 30.91
CA PRO A 187 -12.13 6.18 32.18
C PRO A 187 -11.97 4.71 32.54
N GLN A 188 -12.88 3.85 32.02
CA GLN A 188 -12.82 2.43 32.33
C GLN A 188 -11.55 1.80 31.75
N PHE A 189 -10.95 2.40 30.72
CA PHE A 189 -9.70 1.83 30.24
C PHE A 189 -8.65 1.77 31.33
N TYR A 190 -8.62 2.82 32.15
CA TYR A 190 -7.63 2.87 33.20
C TYR A 190 -7.98 1.91 34.32
N THR A 191 -9.24 1.88 34.77
CA THR A 191 -9.62 1.06 35.91
C THR A 191 -9.59 -0.44 35.60
N LEU A 192 -9.63 -0.81 34.31
CA LEU A 192 -9.59 -2.22 33.90
C LEU A 192 -8.19 -2.68 33.54
N SER A 193 -7.18 -1.77 33.70
CA SER A 193 -5.81 -2.03 33.30
C SER A 193 -4.98 -2.46 34.48
N ASP A 194 -4.44 -3.67 34.48
CA ASP A 194 -3.51 -4.10 35.51
C ASP A 194 -2.14 -3.51 35.24
N VAL A 195 -1.78 -3.49 33.97
CA VAL A 195 -0.53 -2.92 33.50
C VAL A 195 -0.89 -2.05 32.32
N PHE A 196 -0.56 -0.78 32.37
CA PHE A 196 -0.83 0.22 31.37
C PHE A 196 0.51 0.69 30.84
N CYS A 197 0.82 0.53 29.56
CA CYS A 197 2.15 0.70 29.00
C CYS A 197 2.06 1.54 27.74
N CYS A 198 2.80 2.68 27.71
CA CYS A 198 2.77 3.56 26.56
C CYS A 198 4.13 4.21 26.37
N ASN A 199 4.31 4.89 25.24
CA ASN A 199 5.55 5.63 25.00
C ASN A 199 5.36 7.12 25.35
N GLU A 200 6.44 7.86 25.10
CA GLU A 200 6.40 9.27 25.47
C GLU A 200 5.33 10.05 24.72
N SER A 201 5.24 9.86 23.39
N SER A 201 5.25 9.86 23.40
CA SER A 201 4.28 10.57 22.55
CA SER A 201 4.28 10.57 22.57
C SER A 201 2.84 10.23 22.95
C SER A 201 2.84 10.23 22.95
N GLU A 202 2.58 8.96 23.29
CA GLU A 202 1.27 8.57 23.78
C GLU A 202 0.97 9.22 25.13
N ALA A 203 1.97 9.22 26.03
CA ALA A 203 1.77 9.81 27.34
C ALA A 203 1.47 11.31 27.24
N GLU A 204 2.10 11.99 26.28
CA GLU A 204 1.81 13.41 26.01
C GLU A 204 0.36 13.63 25.64
N ILE A 205 -0.15 12.78 24.73
CA ILE A 205 -1.53 12.87 24.30
C ILE A 205 -2.48 12.61 25.48
N LEU A 206 -2.17 11.59 26.30
CA LEU A 206 -3.05 11.23 27.39
C LEU A 206 -3.08 12.22 28.54
N THR A 207 -1.95 12.91 28.76
CA THR A 207 -1.80 13.73 29.97
C THR A 207 -1.77 15.22 29.70
N GLY A 208 -1.39 15.65 28.50
CA GLY A 208 -1.24 17.06 28.19
C GLY A 208 0.04 17.62 28.79
N LEU A 209 1.02 16.76 29.08
CA LEU A 209 2.30 17.19 29.62
C LEU A 209 3.35 16.95 28.53
N THR A 210 4.52 17.59 28.62
CA THR A 210 5.73 17.22 27.89
C THR A 210 6.30 15.94 28.49
N VAL A 211 6.61 14.95 27.65
CA VAL A 211 7.34 13.77 28.08
C VAL A 211 8.54 13.60 27.16
N GLY A 212 9.71 14.07 27.59
CA GLY A 212 10.95 13.84 26.85
C GLY A 212 11.95 13.00 27.65
N SER A 213 11.98 13.23 28.98
CA SER A 213 12.97 12.65 29.86
C SER A 213 12.32 11.69 30.88
N ALA A 214 13.13 10.93 31.61
CA ALA A 214 12.68 10.10 32.72
C ALA A 214 11.87 10.91 33.71
N ALA A 215 12.41 12.12 34.11
CA ALA A 215 11.67 12.91 35.06
C ALA A 215 10.27 13.25 34.58
N ASP A 216 10.17 13.69 33.33
CA ASP A 216 8.87 14.05 32.75
C ASP A 216 7.96 12.82 32.74
N ALA A 217 8.55 11.66 32.47
CA ALA A 217 7.78 10.41 32.40
C ALA A 217 7.23 10.05 33.78
N GLY A 218 7.97 10.34 34.86
CA GLY A 218 7.42 10.02 36.15
C GLY A 218 6.25 10.94 36.53
N GLU A 219 6.28 12.25 36.14
CA GLU A 219 5.12 13.09 36.40
C GLU A 219 3.89 12.62 35.60
N ALA A 220 4.12 12.24 34.33
CA ALA A 220 3.01 11.76 33.49
C ALA A 220 2.45 10.46 34.03
N ALA A 221 3.34 9.58 34.48
CA ALA A 221 2.92 8.25 34.96
C ALA A 221 2.02 8.39 36.17
N LEU A 222 2.32 9.37 37.06
CA LEU A 222 1.48 9.49 38.25
C LEU A 222 0.08 9.98 37.92
N VAL A 223 -0.01 10.87 36.92
CA VAL A 223 -1.33 11.27 36.43
C VAL A 223 -2.10 10.03 35.98
N LEU A 224 -1.46 9.16 35.21
CA LEU A 224 -2.16 7.97 34.71
C LEU A 224 -2.51 7.00 35.84
N LEU A 225 -1.62 6.85 36.81
CA LEU A 225 -1.88 5.96 37.92
C LEU A 225 -3.14 6.36 38.70
N LYS A 226 -3.30 7.67 38.94
CA LYS A 226 -4.42 8.13 39.70
C LYS A 226 -5.77 7.96 38.98
N ARG A 227 -5.75 7.71 37.66
CA ARG A 227 -6.97 7.42 36.93
C ARG A 227 -7.43 5.97 37.15
N GLY A 228 -6.61 5.15 37.81
CA GLY A 228 -7.05 3.86 38.33
C GLY A 228 -6.25 2.66 37.83
N CYS A 229 -5.15 2.86 37.08
CA CYS A 229 -4.29 1.76 36.64
C CYS A 229 -3.62 1.11 37.84
N GLN A 230 -3.28 -0.19 37.80
CA GLN A 230 -2.53 -0.77 38.91
C GLN A 230 -1.04 -0.44 38.79
N VAL A 231 -0.56 -0.42 37.56
CA VAL A 231 0.83 -0.30 37.18
C VAL A 231 0.86 0.55 35.91
N VAL A 232 1.77 1.53 35.85
CA VAL A 232 1.97 2.37 34.70
C VAL A 232 3.42 2.27 34.30
N ILE A 233 3.67 2.08 33.01
CA ILE A 233 4.98 2.01 32.44
C ILE A 233 5.05 2.93 31.24
N ILE A 234 5.97 3.89 31.25
CA ILE A 234 6.24 4.70 30.09
C ILE A 234 7.65 4.41 29.57
N THR A 235 7.70 4.02 28.28
CA THR A 235 8.96 3.73 27.62
C THR A 235 9.64 5.01 27.14
N LEU A 236 10.96 4.96 27.08
CA LEU A 236 11.82 6.11 26.83
C LEU A 236 12.80 5.82 25.70
N GLY A 237 12.40 5.05 24.69
CA GLY A 237 13.34 4.74 23.63
C GLY A 237 14.55 3.99 24.16
N ALA A 238 15.71 4.49 23.79
CA ALA A 238 17.00 3.93 24.19
C ALA A 238 17.29 4.12 25.68
N GLU A 239 16.49 4.95 26.38
CA GLU A 239 16.74 5.22 27.79
C GLU A 239 15.93 4.30 28.69
N GLY A 240 15.35 3.23 28.16
CA GLY A 240 14.67 2.30 29.04
C GLY A 240 13.22 2.71 29.26
N CYS A 241 12.78 2.65 30.51
CA CYS A 241 11.41 2.93 30.85
C CYS A 241 11.32 3.44 32.29
N VAL A 242 10.19 4.01 32.63
CA VAL A 242 9.83 4.37 33.99
C VAL A 242 8.56 3.62 34.40
N VAL A 243 8.55 3.07 35.61
CA VAL A 243 7.42 2.41 36.21
C VAL A 243 7.02 2.93 37.59
N LEU A 244 5.69 3.01 37.78
N LEU A 244 5.71 2.94 37.82
CA LEU A 244 5.00 3.21 39.05
CA LEU A 244 5.18 3.01 39.17
C LEU A 244 3.92 2.14 39.25
C LEU A 244 3.90 2.19 39.27
N SER A 245 3.51 1.93 40.51
CA SER A 245 2.37 1.08 40.82
C SER A 245 1.60 1.60 42.02
N GLN A 246 0.37 1.10 42.23
CA GLN A 246 -0.45 1.47 43.38
C GLN A 246 0.33 1.14 44.66
N THR A 247 1.02 -0.02 44.65
CA THR A 247 1.73 -0.52 45.81
C THR A 247 3.01 0.28 46.03
N GLU A 248 3.62 0.73 44.92
CA GLU A 248 4.90 1.42 44.90
C GLU A 248 4.82 2.65 44.00
N PRO A 249 4.16 3.74 44.44
CA PRO A 249 3.88 4.89 43.58
C PRO A 249 5.05 5.80 43.19
N GLU A 250 6.20 5.65 43.86
CA GLU A 250 7.40 6.38 43.49
C GLU A 250 7.94 5.84 42.18
N PRO A 251 8.12 6.68 41.14
CA PRO A 251 8.72 6.26 39.86
C PRO A 251 10.08 5.61 40.09
N LYS A 252 10.28 4.47 39.39
CA LYS A 252 11.56 3.83 39.22
C LYS A 252 11.95 3.99 37.77
N HIS A 253 13.17 4.38 37.49
CA HIS A 253 13.71 4.43 36.14
C HIS A 253 14.54 3.18 35.93
N ILE A 254 14.09 2.36 34.96
CA ILE A 254 14.77 1.12 34.61
C ILE A 254 15.55 1.39 33.33
N PRO A 255 16.90 1.42 33.39
CA PRO A 255 17.70 1.86 32.25
C PRO A 255 17.96 0.68 31.33
N THR A 256 18.52 0.97 30.15
CA THR A 256 18.85 -0.05 29.17
C THR A 256 20.32 0.14 28.84
N GLU A 257 21.08 -0.96 28.77
CA GLU A 257 22.48 -0.85 28.38
C GLU A 257 22.53 -0.43 26.91
N LYS A 258 23.47 0.44 26.56
CA LYS A 258 23.50 1.07 25.25
C LYS A 258 23.89 0.03 24.18
N VAL A 259 23.18 0.06 23.04
CA VAL A 259 23.50 -0.75 21.88
C VAL A 259 23.59 0.14 20.64
N LYS A 260 24.17 -0.39 19.56
CA LYS A 260 24.20 0.26 18.26
C LYS A 260 22.95 -0.09 17.46
N ALA A 261 22.03 0.88 17.33
CA ALA A 261 20.75 0.65 16.66
C ALA A 261 20.96 0.64 15.16
N VAL A 262 20.31 -0.34 14.50
CA VAL A 262 20.27 -0.48 13.05
C VAL A 262 18.92 0.03 12.54
N ASP A 263 17.83 -0.36 13.22
CA ASP A 263 16.49 -0.03 12.77
C ASP A 263 15.55 -0.15 13.97
N THR A 264 15.06 0.98 14.47
CA THR A 264 14.31 0.97 15.72
C THR A 264 12.83 0.64 15.48
N THR A 265 12.45 0.42 14.21
CA THR A 265 11.05 0.14 13.94
C THR A 265 10.62 -1.13 14.68
N GLY A 266 9.46 -1.06 15.33
CA GLY A 266 8.92 -2.20 16.03
C GLY A 266 9.46 -2.46 17.43
N ALA A 267 10.34 -1.59 17.94
CA ALA A 267 10.92 -1.83 19.25
C ALA A 267 9.88 -1.82 20.36
N GLY A 268 8.94 -0.89 20.28
CA GLY A 268 7.91 -0.81 21.30
C GLY A 268 7.11 -2.11 21.43
N ASP A 269 6.74 -2.60 20.25
CA ASP A 269 5.94 -3.82 20.29
C ASP A 269 6.75 -5.02 20.80
N SER A 270 8.04 -5.08 20.48
CA SER A 270 8.93 -6.06 21.07
C SER A 270 8.89 -6.01 22.60
N PHE A 271 9.04 -4.77 23.14
CA PHE A 271 9.01 -4.58 24.57
C PHE A 271 7.71 -5.11 25.15
N VAL A 272 6.58 -4.74 24.56
CA VAL A 272 5.30 -5.10 25.15
C VAL A 272 5.13 -6.63 25.07
N GLY A 273 5.51 -7.23 23.94
CA GLY A 273 5.42 -8.68 23.82
C GLY A 273 6.29 -9.43 24.82
N ALA A 274 7.47 -8.89 25.08
CA ALA A 274 8.34 -9.47 26.09
C ALA A 274 7.72 -9.33 27.48
N LEU A 275 7.16 -8.17 27.77
CA LEU A 275 6.52 -7.98 29.06
C LEU A 275 5.34 -8.95 29.24
N ALA A 276 4.54 -9.15 28.16
CA ALA A 276 3.45 -10.10 28.29
C ALA A 276 3.96 -11.50 28.64
N PHE A 277 5.06 -11.88 27.99
CA PHE A 277 5.69 -13.17 28.25
C PHE A 277 6.04 -13.31 29.73
N TYR A 278 6.64 -12.25 30.31
CA TYR A 278 7.04 -12.32 31.72
C TYR A 278 5.85 -12.34 32.67
N LEU A 279 4.84 -11.51 32.39
CA LEU A 279 3.66 -11.53 33.24
C LEU A 279 3.00 -12.93 33.27
N ALA A 280 3.05 -13.64 32.13
CA ALA A 280 2.35 -14.92 32.02
C ALA A 280 3.16 -16.05 32.61
N TYR A 281 4.48 -16.05 32.33
CA TYR A 281 5.30 -17.22 32.60
C TYR A 281 6.15 -17.05 33.85
N TYR A 282 6.35 -15.79 34.30
CA TYR A 282 7.17 -15.52 35.48
C TYR A 282 6.44 -14.56 36.42
N PRO A 283 5.18 -14.85 36.84
CA PRO A 283 4.33 -13.87 37.54
C PRO A 283 4.91 -13.50 38.88
N ASN A 284 5.76 -14.39 39.42
CA ASN A 284 6.48 -14.20 40.67
C ASN A 284 7.46 -13.02 40.66
N LEU A 285 7.97 -12.67 39.47
CA LEU A 285 9.05 -11.67 39.37
C LEU A 285 8.51 -10.28 39.67
N SER A 286 9.37 -9.46 40.30
CA SER A 286 9.08 -8.04 40.48
C SER A 286 8.94 -7.37 39.10
N LEU A 287 8.21 -6.24 39.11
CA LEU A 287 8.11 -5.38 37.95
C LEU A 287 9.52 -5.01 37.44
N GLU A 288 10.39 -4.58 38.35
CA GLU A 288 11.73 -4.11 37.96
C GLU A 288 12.50 -5.17 37.18
N ASP A 289 12.41 -6.43 37.63
CA ASP A 289 13.07 -7.56 36.97
C ASP A 289 12.47 -7.76 35.56
N MET A 290 11.14 -7.82 35.46
CA MET A 290 10.45 -8.03 34.19
C MET A 290 10.89 -6.95 33.20
N LEU A 291 11.02 -5.69 33.70
CA LEU A 291 11.30 -4.57 32.82
C LEU A 291 12.76 -4.53 32.38
N ASN A 292 13.69 -4.91 33.27
CA ASN A 292 15.06 -5.03 32.78
C ASN A 292 15.19 -6.00 31.60
N ARG A 293 14.54 -7.15 31.79
CA ARG A 293 14.55 -8.21 30.78
C ARG A 293 13.91 -7.74 29.46
N SER A 294 12.77 -7.08 29.59
CA SER A 294 12.00 -6.64 28.44
C SER A 294 12.76 -5.53 27.71
N ASN A 295 13.38 -4.60 28.49
CA ASN A 295 14.20 -3.57 27.88
C ASN A 295 15.30 -4.22 27.02
N PHE A 296 15.92 -5.27 27.57
CA PHE A 296 17.03 -5.91 26.88
C PHE A 296 16.60 -6.56 25.55
N ILE A 297 15.46 -7.27 25.61
CA ILE A 297 14.94 -7.92 24.42
C ILE A 297 14.60 -6.91 23.32
N ALA A 298 13.90 -5.82 23.66
CA ALA A 298 13.58 -4.80 22.67
C ALA A 298 14.83 -4.20 22.06
N ALA A 299 15.87 -4.00 22.90
CA ALA A 299 17.12 -3.50 22.39
C ALA A 299 17.86 -4.49 21.48
N VAL A 300 17.55 -5.78 21.57
CA VAL A 300 18.06 -6.71 20.57
C VAL A 300 17.35 -6.45 19.23
N SER A 301 16.04 -6.21 19.28
CA SER A 301 15.28 -6.01 18.05
C SER A 301 15.82 -4.81 17.26
N VAL A 302 16.28 -3.75 17.93
CA VAL A 302 16.71 -2.56 17.21
C VAL A 302 18.02 -2.81 16.46
N GLN A 303 18.69 -3.90 16.79
CA GLN A 303 19.97 -4.21 16.16
C GLN A 303 19.79 -5.03 14.87
N ALA A 304 18.55 -5.22 14.40
CA ALA A 304 18.30 -5.85 13.11
C ALA A 304 17.24 -5.10 12.29
N ALA A 305 17.31 -5.27 10.97
CA ALA A 305 16.41 -4.62 10.04
C ALA A 305 15.00 -5.20 10.15
N GLY A 306 14.04 -4.31 9.95
CA GLY A 306 12.65 -4.68 9.83
C GLY A 306 11.94 -4.69 11.17
N THR A 307 10.65 -5.08 11.13
CA THR A 307 9.83 -5.12 12.33
C THR A 307 9.79 -6.56 12.85
N GLN A 308 8.86 -7.41 12.39
CA GLN A 308 8.77 -8.73 12.99
C GLN A 308 10.03 -9.55 12.72
N SER A 309 10.66 -9.33 11.56
CA SER A 309 11.89 -10.03 11.21
C SER A 309 12.99 -9.83 12.24
N SER A 310 12.96 -8.70 12.97
CA SER A 310 14.02 -8.36 13.91
C SER A 310 13.80 -8.98 15.30
N TYR A 311 12.63 -9.53 15.57
CA TYR A 311 12.32 -9.96 16.92
C TYR A 311 13.08 -11.22 17.26
N PRO A 312 13.86 -11.26 18.36
CA PRO A 312 14.65 -12.44 18.65
C PRO A 312 13.88 -13.62 19.21
N TYR A 313 14.42 -14.82 18.92
CA TYR A 313 14.00 -16.08 19.52
C TYR A 313 14.74 -16.40 20.82
N LYS A 314 14.04 -17.11 21.72
CA LYS A 314 14.58 -17.61 22.98
C LYS A 314 15.96 -18.22 22.81
N LYS A 315 16.14 -19.07 21.80
CA LYS A 315 17.37 -19.85 21.65
C LYS A 315 18.58 -18.98 21.29
N ASP A 316 18.34 -17.75 20.83
CA ASP A 316 19.41 -16.85 20.45
C ASP A 316 19.63 -15.77 21.51
N LEU A 317 18.99 -15.89 22.69
CA LEU A 317 19.06 -14.90 23.76
C LEU A 317 19.79 -15.46 24.98
N PRO A 318 20.34 -14.61 25.87
CA PRO A 318 21.01 -15.07 27.08
C PRO A 318 20.16 -15.89 28.04
N LEU A 319 20.77 -16.93 28.64
CA LEU A 319 20.04 -17.82 29.56
C LEU A 319 19.46 -17.04 30.75
N THR A 320 20.11 -15.94 31.14
CA THR A 320 19.72 -15.24 32.35
C THR A 320 18.35 -14.58 32.24
N LEU A 321 17.86 -14.44 31.00
CA LEU A 321 16.56 -13.86 30.75
C LEU A 321 15.44 -14.78 31.17
N PHE A 322 15.77 -16.08 31.38
CA PHE A 322 14.76 -17.09 31.66
C PHE A 322 14.88 -17.75 33.04
N LEU A 323 15.65 -17.17 34.00
CA LEU A 323 15.73 -17.68 35.36
C LEU A 323 14.45 -17.39 36.13
N GLU A 324 13.99 -18.31 36.98
CA GLU A 324 12.70 -18.16 37.69
C GLU A 324 12.80 -17.10 38.80
N HIS A 325 14.01 -16.88 39.25
CA HIS A 325 14.23 -16.03 40.39
C HIS A 325 14.90 -14.74 39.92
N HIS A 326 14.84 -13.74 40.79
CA HIS A 326 15.56 -12.48 40.63
C HIS A 326 17.04 -12.74 40.36
N HIS A 327 17.63 -11.99 39.41
CA HIS A 327 19.06 -12.02 39.04
C HIS A 327 19.59 -10.59 39.20
N HIS A 328 20.85 -10.46 39.65
CA HIS A 328 21.55 -9.18 39.76
C HIS A 328 21.63 -8.50 38.39
N GLU B 14 -7.43 -17.22 -32.52
CA GLU B 14 -7.97 -15.90 -32.95
C GLU B 14 -6.82 -14.90 -32.99
N VAL B 15 -6.50 -14.34 -34.18
CA VAL B 15 -5.36 -13.48 -34.44
C VAL B 15 -5.61 -12.15 -33.75
N ALA B 16 -4.66 -11.72 -32.94
CA ALA B 16 -4.80 -10.46 -32.26
C ALA B 16 -4.60 -9.30 -33.24
N ALA B 17 -5.54 -8.36 -33.27
CA ALA B 17 -5.41 -7.15 -34.07
C ALA B 17 -4.69 -6.01 -33.32
N VAL B 18 -4.78 -6.02 -32.00
CA VAL B 18 -4.15 -5.01 -31.17
C VAL B 18 -3.15 -5.73 -30.26
N VAL B 19 -1.87 -5.35 -30.36
CA VAL B 19 -0.85 -5.81 -29.44
C VAL B 19 -0.39 -4.62 -28.62
N VAL B 20 -0.38 -4.84 -27.30
CA VAL B 20 0.10 -3.79 -26.37
C VAL B 20 1.35 -4.32 -25.70
N VAL B 21 2.46 -3.59 -25.88
CA VAL B 21 3.70 -3.91 -25.23
C VAL B 21 3.91 -2.83 -24.18
N GLY B 22 3.74 -3.19 -22.91
CA GLY B 22 3.73 -2.13 -21.91
C GLY B 22 3.45 -2.69 -20.52
N SER B 23 2.89 -1.85 -19.65
CA SER B 23 2.98 -2.08 -18.22
C SER B 23 1.70 -2.68 -17.63
N CYS B 24 1.90 -3.45 -16.55
CA CYS B 24 0.86 -3.86 -15.63
C CYS B 24 1.31 -3.43 -14.22
N MET B 25 0.43 -2.79 -13.50
CA MET B 25 0.75 -2.31 -12.17
C MET B 25 -0.43 -2.60 -11.24
N THR B 26 -0.11 -3.00 -10.01
CA THR B 26 -1.09 -3.10 -8.96
C THR B 26 -1.28 -1.74 -8.31
N ASP B 27 -2.50 -1.22 -8.30
CA ASP B 27 -2.81 0.07 -7.66
C ASP B 27 -3.25 -0.20 -6.23
N LEU B 28 -2.49 0.40 -5.28
CA LEU B 28 -2.72 0.21 -3.86
C LEU B 28 -3.18 1.56 -3.31
N VAL B 29 -4.47 1.72 -3.10
CA VAL B 29 -5.05 3.04 -2.91
C VAL B 29 -5.55 3.17 -1.49
N SER B 30 -5.06 4.21 -0.78
CA SER B 30 -5.53 4.58 0.54
C SER B 30 -6.25 5.93 0.46
N LEU B 31 -7.49 5.96 0.92
CA LEU B 31 -8.25 7.20 1.00
C LEU B 31 -8.17 7.73 2.41
N THR B 32 -7.88 9.04 2.49
CA THR B 32 -7.67 9.70 3.78
C THR B 32 -8.42 11.03 3.78
N SER B 33 -8.52 11.66 4.94
CA SER B 33 -9.05 13.03 4.98
C SER B 33 -7.91 14.06 4.87
N ARG B 34 -6.69 13.63 5.17
CA ARG B 34 -5.51 14.49 5.16
C ARG B 34 -4.30 13.70 4.62
N LEU B 35 -3.45 14.35 3.84
CA LEU B 35 -2.23 13.74 3.33
C LEU B 35 -1.13 13.87 4.36
N PRO B 36 -0.35 12.80 4.58
CA PRO B 36 0.73 12.82 5.58
C PRO B 36 1.91 13.66 5.15
N LYS B 37 2.52 14.34 6.14
CA LYS B 37 3.84 14.94 5.99
C LYS B 37 4.92 14.04 6.59
N THR B 38 6.19 14.37 6.32
N THR B 38 6.20 14.39 6.34
CA THR B 38 7.32 13.53 6.71
CA THR B 38 7.35 13.59 6.75
C THR B 38 7.23 13.23 8.21
C THR B 38 7.23 13.24 8.24
N GLY B 39 7.44 11.95 8.54
CA GLY B 39 7.48 11.46 9.89
C GLY B 39 6.11 11.09 10.45
N GLU B 40 5.02 11.45 9.76
CA GLU B 40 3.67 11.22 10.26
C GLU B 40 3.11 9.86 9.86
N THR B 41 2.39 9.28 10.82
CA THR B 41 1.41 8.26 10.61
C THR B 41 0.03 8.89 10.66
N ILE B 42 -0.75 8.67 9.61
CA ILE B 42 -2.14 9.07 9.66
C ILE B 42 -3.01 7.85 9.38
N HIS B 43 -4.30 8.00 9.73
CA HIS B 43 -5.27 6.93 9.60
C HIS B 43 -6.24 7.35 8.51
N GLY B 44 -6.40 6.48 7.50
CA GLY B 44 -7.41 6.69 6.47
C GLY B 44 -8.63 5.82 6.71
N HIS B 45 -9.62 5.94 5.81
CA HIS B 45 -10.93 5.32 6.02
C HIS B 45 -11.20 4.18 5.03
N LYS B 46 -10.38 4.03 3.99
CA LYS B 46 -10.64 2.95 3.04
C LYS B 46 -9.38 2.64 2.27
N PHE B 47 -9.19 1.34 1.99
CA PHE B 47 -8.11 0.86 1.15
C PHE B 47 -8.73 -0.01 0.05
N PHE B 48 -8.16 0.06 -1.14
CA PHE B 48 -8.55 -0.94 -2.13
C PHE B 48 -7.41 -1.15 -3.09
N ILE B 49 -7.49 -2.34 -3.71
CA ILE B 49 -6.55 -2.79 -4.70
C ILE B 49 -7.26 -2.68 -6.03
N GLY B 50 -6.54 -2.22 -7.03
CA GLY B 50 -7.07 -2.26 -8.38
C GLY B 50 -6.00 -2.68 -9.36
N PHE B 51 -6.46 -3.15 -10.53
CA PHE B 51 -5.55 -3.43 -11.61
C PHE B 51 -5.34 -2.16 -12.42
N GLY B 52 -4.08 -1.80 -12.64
CA GLY B 52 -3.74 -0.61 -13.39
C GLY B 52 -2.52 -0.86 -14.26
N GLY B 53 -1.79 0.23 -14.51
CA GLY B 53 -0.74 0.25 -15.50
C GLY B 53 -1.30 0.73 -16.83
N LYS B 54 -0.60 1.67 -17.46
CA LYS B 54 -1.13 2.28 -18.66
C LYS B 54 -1.30 1.25 -19.77
N GLY B 55 -0.34 0.33 -19.93
CA GLY B 55 -0.45 -0.67 -21.00
C GLY B 55 -1.69 -1.54 -20.82
N ALA B 56 -1.81 -2.13 -19.64
CA ALA B 56 -2.94 -3.01 -19.36
C ALA B 56 -4.24 -2.22 -19.44
N ASN B 57 -4.28 -0.97 -18.92
CA ASN B 57 -5.50 -0.19 -18.97
C ASN B 57 -5.96 -0.01 -20.42
N GLN B 58 -5.01 0.36 -21.29
CA GLN B 58 -5.32 0.55 -22.70
C GLN B 58 -5.83 -0.77 -23.30
N CYS B 59 -5.12 -1.85 -23.03
CA CYS B 59 -5.48 -3.15 -23.58
C CYS B 59 -6.89 -3.54 -23.15
N VAL B 60 -7.23 -3.34 -21.89
CA VAL B 60 -8.54 -3.65 -21.35
C VAL B 60 -9.63 -2.83 -22.05
N GLN B 61 -9.45 -1.52 -22.24
CA GLN B 61 -10.49 -0.76 -22.91
C GLN B 61 -10.68 -1.28 -24.34
N ALA B 62 -9.57 -1.53 -25.05
CA ALA B 62 -9.71 -2.02 -26.43
C ALA B 62 -10.46 -3.35 -26.45
N ALA B 63 -10.11 -4.24 -25.51
CA ALA B 63 -10.72 -5.57 -25.48
C ALA B 63 -12.22 -5.47 -25.19
N ARG B 64 -12.63 -4.55 -24.33
CA ARG B 64 -14.04 -4.43 -23.96
C ARG B 64 -14.88 -3.87 -25.10
N LEU B 65 -14.24 -3.17 -26.06
CA LEU B 65 -14.92 -2.67 -27.24
C LEU B 65 -15.04 -3.78 -28.28
N GLY B 66 -14.35 -4.88 -28.07
CA GLY B 66 -14.44 -6.03 -28.96
C GLY B 66 -13.13 -6.39 -29.68
N ALA B 67 -12.03 -5.69 -29.39
CA ALA B 67 -10.77 -6.03 -30.00
C ALA B 67 -10.28 -7.39 -29.49
N MET B 68 -9.63 -8.09 -30.41
CA MET B 68 -8.81 -9.23 -30.08
C MET B 68 -7.41 -8.72 -29.78
N THR B 69 -6.98 -8.85 -28.53
CA THR B 69 -5.77 -8.21 -28.03
C THR B 69 -4.80 -9.23 -27.47
N SER B 70 -3.54 -8.81 -27.42
CA SER B 70 -2.49 -9.54 -26.76
C SER B 70 -1.64 -8.59 -25.94
N MET B 71 -1.45 -8.92 -24.67
CA MET B 71 -0.68 -8.06 -23.75
C MET B 71 0.71 -8.63 -23.54
N VAL B 72 1.73 -7.92 -24.05
CA VAL B 72 3.12 -8.31 -23.87
C VAL B 72 3.66 -7.51 -22.69
N CYS B 73 3.97 -8.21 -21.60
CA CYS B 73 4.29 -7.52 -20.35
C CYS B 73 4.98 -8.52 -19.43
N LYS B 74 5.52 -8.01 -18.32
CA LYS B 74 6.12 -8.84 -17.30
C LYS B 74 5.66 -8.41 -15.91
N VAL B 75 5.18 -9.38 -15.15
CA VAL B 75 4.78 -9.24 -13.77
C VAL B 75 5.65 -10.15 -12.91
N GLY B 76 5.48 -10.03 -11.59
CA GLY B 76 6.23 -10.85 -10.67
C GLY B 76 5.67 -12.27 -10.56
N LYS B 77 6.55 -13.17 -10.10
N LYS B 77 6.52 -13.16 -10.04
CA LYS B 77 6.13 -14.46 -9.61
CA LYS B 77 6.09 -14.47 -9.59
C LYS B 77 5.67 -14.26 -8.15
C LYS B 77 5.62 -14.33 -8.14
N ASP B 78 4.52 -13.62 -8.00
CA ASP B 78 3.95 -13.26 -6.71
C ASP B 78 2.44 -13.21 -6.84
N SER B 79 1.77 -13.04 -5.70
CA SER B 79 0.32 -13.02 -5.66
C SER B 79 -0.25 -11.94 -6.58
N PHE B 80 0.33 -10.73 -6.55
CA PHE B 80 -0.15 -9.65 -7.39
C PHE B 80 -0.04 -10.03 -8.87
N GLY B 81 1.06 -10.69 -9.24
CA GLY B 81 1.29 -11.07 -10.62
C GLY B 81 0.33 -12.16 -11.08
N ASN B 82 0.11 -13.15 -10.22
CA ASN B 82 -0.85 -14.22 -10.57
C ASN B 82 -2.24 -13.62 -10.73
N ASP B 83 -2.60 -12.67 -9.87
CA ASP B 83 -3.87 -12.01 -9.90
C ASP B 83 -4.00 -11.18 -11.18
N TYR B 84 -2.91 -10.52 -11.59
CA TYR B 84 -2.93 -9.71 -12.78
C TYR B 84 -3.20 -10.60 -14.00
N ILE B 85 -2.49 -11.73 -14.11
CA ILE B 85 -2.69 -12.60 -15.26
C ILE B 85 -4.15 -13.03 -15.33
N GLU B 86 -4.74 -13.37 -14.20
CA GLU B 86 -6.15 -13.67 -14.13
C GLU B 86 -7.03 -12.54 -14.61
N ASN B 87 -6.72 -11.30 -14.23
CA ASN B 87 -7.43 -10.11 -14.66
C ASN B 87 -7.41 -10.00 -16.18
N LEU B 88 -6.24 -10.19 -16.79
CA LEU B 88 -6.17 -10.15 -18.25
C LEU B 88 -7.02 -11.24 -18.89
N LYS B 89 -6.94 -12.45 -18.37
CA LYS B 89 -7.70 -13.55 -18.96
C LYS B 89 -9.20 -13.27 -18.85
N GLN B 90 -9.63 -12.73 -17.72
CA GLN B 90 -11.04 -12.43 -17.52
C GLN B 90 -11.57 -11.34 -18.42
N ASN B 91 -10.68 -10.50 -18.95
CA ASN B 91 -11.03 -9.46 -19.90
C ASN B 91 -10.77 -9.89 -21.34
N ASP B 92 -10.56 -11.21 -21.52
CA ASP B 92 -10.50 -11.83 -22.84
C ASP B 92 -9.23 -11.41 -23.59
N ILE B 93 -8.17 -11.06 -22.83
CA ILE B 93 -6.90 -10.66 -23.38
C ILE B 93 -5.96 -11.85 -23.46
N SER B 94 -5.23 -12.01 -24.58
CA SER B 94 -4.23 -13.07 -24.66
C SER B 94 -3.05 -12.78 -23.73
N THR B 95 -2.67 -13.77 -22.94
CA THR B 95 -1.53 -13.66 -22.02
C THR B 95 -0.38 -14.58 -22.47
N GLU B 96 -0.34 -14.94 -23.77
CA GLU B 96 0.74 -15.75 -24.32
C GLU B 96 2.13 -15.16 -24.02
N PHE B 97 2.23 -13.83 -23.99
CA PHE B 97 3.50 -13.17 -23.76
C PHE B 97 3.37 -12.23 -22.55
N THR B 98 2.54 -12.63 -21.59
CA THR B 98 2.60 -12.11 -20.23
C THR B 98 3.56 -13.01 -19.48
N TYR B 99 4.74 -12.48 -19.18
CA TYR B 99 5.77 -13.21 -18.47
C TYR B 99 5.73 -12.95 -16.96
N GLN B 100 6.38 -13.84 -16.20
CA GLN B 100 6.55 -13.70 -14.77
C GLN B 100 8.02 -13.88 -14.41
N THR B 101 8.49 -13.10 -13.43
CA THR B 101 9.89 -13.16 -13.00
C THR B 101 9.96 -13.14 -11.48
N LYS B 102 10.91 -13.91 -10.91
N LYS B 102 10.95 -13.86 -10.93
CA LYS B 102 11.17 -13.85 -9.49
CA LYS B 102 11.17 -13.84 -9.50
C LYS B 102 12.15 -12.74 -9.14
C LYS B 102 12.13 -12.71 -9.13
N ASP B 103 12.66 -11.99 -10.13
CA ASP B 103 13.73 -11.03 -9.86
C ASP B 103 13.24 -9.64 -9.47
N ALA B 104 11.94 -9.42 -9.59
CA ALA B 104 11.34 -8.20 -9.09
C ALA B 104 9.88 -8.49 -8.77
N ALA B 105 9.33 -7.72 -7.85
CA ALA B 105 7.90 -7.74 -7.58
C ALA B 105 7.12 -7.16 -8.77
N THR B 106 5.85 -7.55 -8.89
CA THR B 106 4.94 -6.91 -9.82
C THR B 106 4.99 -5.39 -9.58
N GLY B 107 4.94 -4.62 -10.66
CA GLY B 107 4.91 -3.16 -10.51
C GLY B 107 3.76 -2.71 -9.63
N THR B 108 4.00 -1.64 -8.85
CA THR B 108 3.03 -1.12 -7.90
C THR B 108 2.92 0.40 -8.04
N ALA B 109 1.72 0.89 -7.83
CA ALA B 109 1.45 2.32 -7.66
C ALA B 109 0.77 2.47 -6.31
N SER B 110 1.53 3.05 -5.34
CA SER B 110 0.96 3.30 -4.03
C SER B 110 0.41 4.71 -4.02
N ILE B 111 -0.91 4.82 -3.85
CA ILE B 111 -1.63 6.07 -4.10
C ILE B 111 -2.35 6.46 -2.81
N ILE B 112 -2.10 7.66 -2.31
CA ILE B 112 -2.83 8.18 -1.16
C ILE B 112 -3.63 9.37 -1.65
N VAL B 113 -4.95 9.36 -1.43
CA VAL B 113 -5.85 10.35 -1.98
C VAL B 113 -6.66 10.92 -0.83
N ASN B 114 -6.75 12.25 -0.74
CA ASN B 114 -7.60 12.92 0.23
C ASN B 114 -9.01 13.13 -0.35
N ASN B 115 -9.93 13.65 0.48
CA ASN B 115 -11.32 13.75 0.08
C ASN B 115 -11.55 14.87 -0.92
N GLU B 116 -10.53 15.72 -1.15
CA GLU B 116 -10.60 16.73 -2.19
C GLU B 116 -9.90 16.26 -3.46
N GLY B 117 -9.35 15.04 -3.45
CA GLY B 117 -8.78 14.45 -4.64
C GLY B 117 -7.31 14.79 -4.87
N GLN B 118 -6.66 15.50 -3.93
CA GLN B 118 -5.23 15.67 -3.97
C GLN B 118 -4.55 14.36 -3.57
N ASN B 119 -3.37 14.12 -4.13
CA ASN B 119 -2.74 12.82 -3.94
C ASN B 119 -1.23 12.89 -3.76
N ILE B 120 -0.71 11.82 -3.17
CA ILE B 120 0.70 11.47 -3.16
C ILE B 120 0.81 10.09 -3.79
N ILE B 121 1.69 9.92 -4.77
CA ILE B 121 1.81 8.65 -5.49
C ILE B 121 3.27 8.24 -5.56
N VAL B 122 3.53 6.97 -5.24
CA VAL B 122 4.84 6.37 -5.40
C VAL B 122 4.71 5.17 -6.33
N ILE B 123 5.43 5.26 -7.44
CA ILE B 123 5.41 4.19 -8.44
C ILE B 123 6.68 3.37 -8.29
N VAL B 124 6.57 2.05 -8.23
CA VAL B 124 7.71 1.18 -8.34
C VAL B 124 7.46 0.25 -9.53
N ALA B 125 8.17 0.50 -10.62
CA ALA B 125 7.86 -0.17 -11.89
C ALA B 125 8.14 -1.66 -11.76
N GLY B 126 9.19 -2.04 -11.02
CA GLY B 126 9.42 -3.44 -10.70
C GLY B 126 9.59 -4.31 -11.95
N ALA B 127 8.85 -5.45 -11.95
CA ALA B 127 9.00 -6.46 -12.98
C ALA B 127 8.75 -5.90 -14.39
N ASN B 128 7.93 -4.85 -14.52
CA ASN B 128 7.74 -4.19 -15.81
C ASN B 128 9.08 -3.92 -16.51
N LEU B 129 10.07 -3.44 -15.73
CA LEU B 129 11.33 -3.00 -16.28
C LEU B 129 12.15 -4.17 -16.81
N LEU B 130 11.80 -5.39 -16.41
CA LEU B 130 12.58 -6.57 -16.80
C LEU B 130 12.01 -7.27 -18.04
N LEU B 131 10.95 -6.73 -18.63
CA LEU B 131 10.52 -7.18 -19.95
C LEU B 131 11.62 -6.74 -20.92
N ASN B 132 12.28 -7.71 -21.55
CA ASN B 132 13.51 -7.43 -22.31
C ASN B 132 13.32 -7.77 -23.79
N THR B 133 14.36 -7.50 -24.59
CA THR B 133 14.22 -7.64 -26.03
C THR B 133 14.08 -9.12 -26.41
N GLU B 134 14.63 -10.04 -25.60
CA GLU B 134 14.51 -11.46 -25.90
C GLU B 134 13.05 -11.86 -25.74
N ASP B 135 12.42 -11.34 -24.68
CA ASP B 135 10.99 -11.56 -24.41
C ASP B 135 10.12 -11.07 -25.58
N LEU B 136 10.48 -9.93 -26.17
CA LEU B 136 9.74 -9.40 -27.30
C LEU B 136 9.90 -10.27 -28.53
N ARG B 137 11.13 -10.69 -28.78
CA ARG B 137 11.44 -11.43 -29.99
C ARG B 137 10.58 -12.68 -30.09
N ALA B 138 10.19 -13.26 -28.95
CA ALA B 138 9.31 -14.41 -28.94
C ALA B 138 7.92 -14.06 -29.50
N ALA B 139 7.50 -12.80 -29.38
CA ALA B 139 6.20 -12.34 -29.86
C ALA B 139 6.26 -11.85 -31.31
N ALA B 140 7.37 -12.09 -32.02
CA ALA B 140 7.57 -11.48 -33.33
C ALA B 140 6.43 -11.82 -34.28
N ASN B 141 5.97 -13.07 -34.27
CA ASN B 141 4.96 -13.50 -35.21
C ASN B 141 3.62 -12.84 -34.91
N VAL B 142 3.24 -12.75 -33.63
CA VAL B 142 2.00 -12.10 -33.24
C VAL B 142 2.02 -10.61 -33.57
N ILE B 143 3.17 -9.94 -33.37
CA ILE B 143 3.29 -8.53 -33.70
C ILE B 143 3.09 -8.36 -35.21
N SER B 144 3.71 -9.25 -36.00
CA SER B 144 3.73 -9.13 -37.45
C SER B 144 2.31 -9.23 -38.04
N ARG B 145 1.41 -9.92 -37.33
CA ARG B 145 0.07 -10.19 -37.83
C ARG B 145 -0.97 -9.20 -37.29
N ALA B 146 -0.55 -8.29 -36.39
CA ALA B 146 -1.46 -7.31 -35.81
C ALA B 146 -1.68 -6.13 -36.75
N LYS B 147 -2.69 -5.32 -36.42
CA LYS B 147 -2.99 -4.07 -37.10
C LYS B 147 -2.38 -2.88 -36.36
N VAL B 148 -2.35 -2.93 -35.02
CA VAL B 148 -1.87 -1.81 -34.19
C VAL B 148 -1.01 -2.35 -33.07
N MET B 149 0.12 -1.67 -32.85
CA MET B 149 1.00 -1.85 -31.71
C MET B 149 0.93 -0.60 -30.84
N VAL B 150 0.71 -0.82 -29.53
CA VAL B 150 0.57 0.29 -28.57
C VAL B 150 1.68 0.22 -27.53
N CYS B 151 2.38 1.35 -27.32
CA CYS B 151 3.44 1.42 -26.31
C CYS B 151 3.28 2.72 -25.51
N GLN B 152 3.87 2.70 -24.30
CA GLN B 152 3.90 3.85 -23.42
C GLN B 152 5.34 4.04 -22.91
N LEU B 153 5.47 4.80 -21.80
CA LEU B 153 6.77 5.04 -21.21
C LEU B 153 6.82 4.51 -19.77
N GLU B 154 6.20 3.36 -19.53
CA GLU B 154 6.23 2.73 -18.23
C GLU B 154 7.06 1.46 -18.14
N ILE B 155 7.74 1.08 -19.23
CA ILE B 155 8.66 -0.04 -19.17
C ILE B 155 10.04 0.50 -19.55
N THR B 156 11.00 -0.37 -19.83
CA THR B 156 12.35 0.06 -20.14
C THR B 156 12.37 0.61 -21.57
N PRO B 157 12.92 1.81 -21.81
CA PRO B 157 12.85 2.41 -23.13
C PRO B 157 13.36 1.55 -24.27
N ALA B 158 14.47 0.84 -24.08
CA ALA B 158 15.03 0.00 -25.14
C ALA B 158 13.99 -1.02 -25.61
N THR B 159 13.20 -1.54 -24.67
CA THR B 159 12.20 -2.55 -25.01
C THR B 159 11.07 -1.92 -25.83
N SER B 160 10.55 -0.77 -25.40
CA SER B 160 9.53 -0.12 -26.21
C SER B 160 10.06 0.26 -27.60
N LEU B 161 11.29 0.76 -27.70
CA LEU B 161 11.85 1.11 -29.00
C LEU B 161 11.92 -0.10 -29.92
N GLU B 162 12.28 -1.27 -29.37
CA GLU B 162 12.38 -2.46 -30.18
C GLU B 162 10.99 -2.89 -30.63
N ALA B 163 9.98 -2.76 -29.77
CA ALA B 163 8.61 -3.09 -30.15
C ALA B 163 8.13 -2.22 -31.30
N LEU B 164 8.38 -0.91 -31.22
CA LEU B 164 7.98 0.00 -32.27
C LEU B 164 8.72 -0.36 -33.57
N THR B 165 10.01 -0.66 -33.44
CA THR B 165 10.82 -1.03 -34.59
C THR B 165 10.24 -2.28 -35.26
N MET B 166 9.88 -3.28 -34.45
CA MET B 166 9.37 -4.52 -34.99
C MET B 166 8.06 -4.29 -35.73
N ALA B 167 7.20 -3.48 -35.12
CA ALA B 167 5.93 -3.13 -35.74
C ALA B 167 6.18 -2.45 -37.09
N ARG B 168 7.06 -1.46 -37.13
CA ARG B 168 7.32 -0.74 -38.36
C ARG B 168 7.83 -1.68 -39.44
N ARG B 169 8.72 -2.62 -39.08
CA ARG B 169 9.30 -3.57 -40.04
C ARG B 169 8.19 -4.38 -40.72
N SER B 170 7.09 -4.61 -40.00
CA SER B 170 5.98 -5.41 -40.50
C SER B 170 4.81 -4.58 -41.04
N GLY B 171 4.94 -3.26 -41.10
CA GLY B 171 3.87 -2.38 -41.57
C GLY B 171 2.67 -2.28 -40.61
N VAL B 172 2.91 -2.58 -39.33
CA VAL B 172 1.92 -2.49 -38.29
C VAL B 172 1.91 -1.05 -37.77
N LYS B 173 0.71 -0.46 -37.62
CA LYS B 173 0.55 0.92 -37.21
C LYS B 173 1.01 1.06 -35.75
N THR B 174 1.84 2.08 -35.49
CA THR B 174 2.33 2.32 -34.15
C THR B 174 1.59 3.48 -33.47
N LEU B 175 1.04 3.17 -32.31
CA LEU B 175 0.38 4.15 -31.45
C LEU B 175 1.19 4.29 -30.17
N PHE B 176 1.81 5.48 -30.02
CA PHE B 176 2.71 5.67 -28.91
C PHE B 176 2.16 6.77 -28.00
N ASN B 177 2.18 6.46 -26.71
CA ASN B 177 1.67 7.30 -25.66
C ASN B 177 2.83 7.63 -24.72
N PRO B 178 3.48 8.84 -24.84
CA PRO B 178 4.67 9.18 -24.04
C PRO B 178 4.34 9.58 -22.61
N ALA B 179 3.94 8.58 -21.83
CA ALA B 179 3.34 8.78 -20.55
C ALA B 179 3.90 7.75 -19.60
N PRO B 180 4.38 8.15 -18.41
CA PRO B 180 4.61 9.55 -18.05
C PRO B 180 5.70 10.18 -18.92
N ALA B 181 5.62 11.50 -19.13
CA ALA B 181 6.61 12.16 -19.99
C ALA B 181 7.90 12.47 -19.24
N ILE B 182 9.00 12.44 -20.00
CA ILE B 182 10.30 12.93 -19.56
C ILE B 182 10.80 13.95 -20.56
N ALA B 183 11.60 14.91 -20.09
CA ALA B 183 11.97 16.05 -20.92
C ALA B 183 12.68 15.65 -22.21
N ASP B 184 13.67 14.74 -22.15
CA ASP B 184 14.57 14.58 -23.29
C ASP B 184 14.43 13.16 -23.85
N LEU B 185 13.25 12.90 -24.41
CA LEU B 185 12.93 11.58 -24.93
C LEU B 185 13.81 11.25 -26.13
N ASP B 186 14.23 9.98 -26.23
CA ASP B 186 14.97 9.51 -27.38
C ASP B 186 14.24 9.94 -28.65
N PRO B 187 14.92 10.58 -29.61
CA PRO B 187 14.28 11.00 -30.86
C PRO B 187 13.54 9.89 -31.61
N GLN B 188 13.95 8.64 -31.44
CA GLN B 188 13.32 7.56 -32.17
C GLN B 188 11.87 7.36 -31.71
N PHE B 189 11.52 7.83 -30.51
CA PHE B 189 10.15 7.67 -30.11
C PHE B 189 9.25 8.45 -31.07
N TYR B 190 9.72 9.59 -31.56
CA TYR B 190 8.89 10.36 -32.48
C TYR B 190 8.88 9.69 -33.85
N THR B 191 10.08 9.35 -34.35
CA THR B 191 10.19 8.93 -35.75
C THR B 191 9.60 7.53 -35.95
N LEU B 192 9.42 6.76 -34.89
CA LEU B 192 8.81 5.43 -34.97
C LEU B 192 7.30 5.43 -34.73
N SER B 193 6.72 6.62 -34.47
N SER B 193 6.71 6.59 -34.46
CA SER B 193 5.34 6.77 -34.07
CA SER B 193 5.31 6.66 -34.09
C SER B 193 4.47 7.20 -35.25
C SER B 193 4.48 7.17 -35.25
N ASP B 194 3.50 6.36 -35.63
CA ASP B 194 2.50 6.74 -36.62
C ASP B 194 1.49 7.70 -36.02
N VAL B 195 1.14 7.44 -34.76
CA VAL B 195 0.19 8.21 -34.00
C VAL B 195 0.80 8.41 -32.62
N PHE B 196 0.93 9.68 -32.22
CA PHE B 196 1.61 10.04 -31.00
C PHE B 196 0.59 10.81 -30.18
N CYS B 197 0.23 10.32 -28.99
CA CYS B 197 -0.91 10.83 -28.24
C CYS B 197 -0.51 11.08 -26.79
N CYS B 198 -0.72 12.33 -26.34
CA CYS B 198 -0.38 12.68 -24.96
C CYS B 198 -1.36 13.73 -24.45
N ASN B 199 -1.28 14.05 -23.16
CA ASN B 199 -2.13 15.08 -22.56
C ASN B 199 -1.36 16.41 -22.47
N GLU B 200 -2.06 17.42 -21.95
CA GLU B 200 -1.48 18.77 -21.91
C GLU B 200 -0.22 18.82 -21.05
N SER B 201 -0.28 18.20 -19.86
N SER B 201 -0.30 18.23 -19.85
CA SER B 201 0.85 18.21 -18.93
CA SER B 201 0.84 18.20 -18.95
C SER B 201 2.05 17.48 -19.53
C SER B 201 2.03 17.56 -19.66
N GLU B 202 1.82 16.38 -20.25
CA GLU B 202 2.89 15.67 -20.91
C GLU B 202 3.47 16.51 -22.05
N ALA B 203 2.61 17.18 -22.83
CA ALA B 203 3.09 18.02 -23.92
C ALA B 203 3.98 19.15 -23.39
N GLU B 204 3.62 19.70 -22.22
CA GLU B 204 4.42 20.75 -21.59
C GLU B 204 5.82 20.24 -21.23
N ILE B 205 5.88 19.05 -20.65
CA ILE B 205 7.15 18.42 -20.32
C ILE B 205 7.97 18.16 -21.58
N LEU B 206 7.34 17.62 -22.64
CA LEU B 206 8.07 17.25 -23.84
C LEU B 206 8.58 18.46 -24.64
N THR B 207 7.85 19.58 -24.62
CA THR B 207 8.13 20.68 -25.52
C THR B 207 8.67 21.93 -24.82
N GLY B 208 8.44 22.04 -23.52
CA GLY B 208 8.82 23.24 -22.79
C GLY B 208 7.83 24.39 -22.97
N LEU B 209 6.70 24.15 -23.62
CA LEU B 209 5.72 25.20 -23.86
C LEU B 209 4.63 25.09 -22.80
N THR B 210 3.98 26.22 -22.50
CA THR B 210 2.81 26.21 -21.62
C THR B 210 1.60 25.88 -22.48
N VAL B 211 0.77 24.93 -22.02
CA VAL B 211 -0.43 24.54 -22.73
C VAL B 211 -1.63 24.76 -21.81
N GLY B 212 -2.35 25.86 -22.03
CA GLY B 212 -3.53 26.15 -21.23
C GLY B 212 -4.75 26.51 -22.07
N SER B 213 -4.70 26.15 -23.35
CA SER B 213 -5.79 26.38 -24.30
C SER B 213 -5.62 25.40 -25.46
N ALA B 214 -6.68 25.24 -26.26
CA ALA B 214 -6.60 24.43 -27.47
C ALA B 214 -5.57 25.02 -28.43
N ALA B 215 -5.53 26.35 -28.56
CA ALA B 215 -4.54 26.99 -29.40
C ALA B 215 -3.12 26.66 -28.94
N ASP B 216 -2.88 26.74 -27.63
CA ASP B 216 -1.56 26.43 -27.10
C ASP B 216 -1.18 24.98 -27.40
N ALA B 217 -2.18 24.09 -27.32
CA ALA B 217 -1.93 22.68 -27.59
C ALA B 217 -1.59 22.49 -29.07
N GLY B 218 -2.20 23.28 -29.95
CA GLY B 218 -1.84 23.27 -31.35
C GLY B 218 -0.36 23.60 -31.58
N GLU B 219 0.16 24.58 -30.83
CA GLU B 219 1.56 24.96 -30.96
C GLU B 219 2.46 23.83 -30.45
N ALA B 220 2.10 23.23 -29.33
CA ALA B 220 2.90 22.15 -28.79
C ALA B 220 2.87 20.94 -29.72
N ALA B 221 1.70 20.68 -30.31
CA ALA B 221 1.57 19.52 -31.19
C ALA B 221 2.47 19.68 -32.41
N LEU B 222 2.64 20.92 -32.86
CA LEU B 222 3.46 21.17 -34.04
C LEU B 222 4.93 20.86 -33.74
N VAL B 223 5.41 21.20 -32.54
CA VAL B 223 6.76 20.83 -32.16
C VAL B 223 6.94 19.32 -32.29
N LEU B 224 5.98 18.56 -31.76
CA LEU B 224 6.08 17.11 -31.76
C LEU B 224 6.03 16.58 -33.20
N LEU B 225 5.20 17.21 -34.03
CA LEU B 225 5.15 16.84 -35.42
C LEU B 225 6.51 17.01 -36.11
N LYS B 226 7.16 18.15 -35.87
CA LYS B 226 8.44 18.43 -36.53
C LYS B 226 9.58 17.55 -36.01
N ARG B 227 9.42 16.94 -34.83
CA ARG B 227 10.36 15.95 -34.36
C ARG B 227 10.22 14.60 -35.06
N GLY B 228 9.17 14.43 -35.87
CA GLY B 228 9.11 13.28 -36.78
C GLY B 228 7.87 12.38 -36.65
N CYS B 229 6.90 12.74 -35.81
CA CYS B 229 5.62 12.04 -35.74
C CYS B 229 4.84 12.18 -37.05
N GLN B 230 3.91 11.25 -37.32
CA GLN B 230 3.05 11.42 -38.49
C GLN B 230 1.74 12.13 -38.09
N VAL B 231 1.17 11.75 -36.96
CA VAL B 231 -0.05 12.29 -36.41
C VAL B 231 0.20 12.57 -34.93
N VAL B 232 -0.25 13.72 -34.46
CA VAL B 232 -0.06 14.12 -33.07
C VAL B 232 -1.42 14.47 -32.51
N ILE B 233 -1.74 13.91 -31.34
CA ILE B 233 -3.00 14.18 -30.67
C ILE B 233 -2.67 14.65 -29.26
N ILE B 234 -3.16 15.82 -28.87
CA ILE B 234 -3.07 16.23 -27.48
C ILE B 234 -4.47 16.28 -26.89
N THR B 235 -4.68 15.53 -25.81
CA THR B 235 -5.95 15.48 -25.13
C THR B 235 -6.03 16.65 -24.15
N LEU B 236 -7.25 17.17 -23.97
CA LEU B 236 -7.48 18.39 -23.23
C LEU B 236 -8.48 18.16 -22.09
N GLY B 237 -8.45 16.98 -21.46
CA GLY B 237 -9.40 16.69 -20.41
C GLY B 237 -10.83 16.81 -20.92
N ALA B 238 -11.66 17.61 -20.23
CA ALA B 238 -13.05 17.76 -20.62
C ALA B 238 -13.23 18.57 -21.91
N GLU B 239 -12.15 19.15 -22.43
CA GLU B 239 -12.25 20.00 -23.62
C GLU B 239 -11.98 19.20 -24.89
N GLY B 240 -11.88 17.88 -24.81
CA GLY B 240 -11.74 17.08 -26.01
C GLY B 240 -10.27 16.88 -26.35
N CYS B 241 -9.92 17.07 -27.64
CA CYS B 241 -8.54 16.91 -28.05
C CYS B 241 -8.22 17.81 -29.24
N VAL B 242 -6.92 17.96 -29.51
CA VAL B 242 -6.43 18.65 -30.67
C VAL B 242 -5.61 17.68 -31.50
N VAL B 243 -5.76 17.72 -32.83
CA VAL B 243 -5.03 16.81 -33.69
C VAL B 243 -4.40 17.60 -34.85
N LEU B 244 -3.21 17.15 -35.25
CA LEU B 244 -2.62 17.59 -36.51
C LEU B 244 -1.76 16.45 -37.05
N SER B 245 -1.46 16.57 -38.35
CA SER B 245 -0.72 15.51 -39.03
C SER B 245 0.19 16.09 -40.09
N GLN B 246 1.10 15.25 -40.59
CA GLN B 246 1.99 15.66 -41.67
C GLN B 246 1.14 16.09 -42.87
N THR B 247 0.04 15.37 -43.16
CA THR B 247 -0.77 15.67 -44.33
C THR B 247 -1.65 16.89 -44.06
N GLU B 248 -2.05 17.11 -42.79
CA GLU B 248 -2.90 18.24 -42.42
C GLU B 248 -2.35 18.92 -41.16
N PRO B 249 -1.31 19.78 -41.30
CA PRO B 249 -0.64 20.36 -40.13
C PRO B 249 -1.37 21.47 -39.37
N GLU B 250 -2.50 21.94 -39.88
CA GLU B 250 -3.31 22.94 -39.19
C GLU B 250 -4.04 22.26 -38.04
N PRO B 251 -3.91 22.71 -36.78
CA PRO B 251 -4.56 22.02 -35.67
C PRO B 251 -6.09 22.04 -35.81
N LYS B 252 -6.70 20.88 -35.52
CA LYS B 252 -8.15 20.74 -35.44
C LYS B 252 -8.53 20.43 -34.00
N HIS B 253 -9.46 21.19 -33.45
CA HIS B 253 -9.96 20.96 -32.11
C HIS B 253 -11.24 20.14 -32.20
N ILE B 254 -11.22 18.95 -31.60
CA ILE B 254 -12.36 18.06 -31.55
C ILE B 254 -12.98 18.18 -30.16
N PRO B 255 -14.16 18.84 -30.01
CA PRO B 255 -14.72 19.09 -28.69
C PRO B 255 -15.53 17.88 -28.25
N THR B 256 -15.93 17.89 -26.98
CA THR B 256 -16.69 16.79 -26.43
C THR B 256 -17.83 17.39 -25.60
N GLU B 257 -18.96 16.69 -25.58
CA GLU B 257 -20.10 17.16 -24.82
C GLU B 257 -19.77 17.11 -23.33
N LYS B 258 -20.30 18.07 -22.59
CA LYS B 258 -20.07 18.15 -21.14
C LYS B 258 -20.75 16.98 -20.43
N VAL B 259 -20.02 16.32 -19.53
CA VAL B 259 -20.57 15.29 -18.65
C VAL B 259 -20.18 15.63 -17.21
N LYS B 260 -20.90 15.04 -16.26
CA LYS B 260 -20.59 15.16 -14.85
C LYS B 260 -19.63 14.05 -14.45
N ALA B 261 -18.38 14.43 -14.14
CA ALA B 261 -17.36 13.45 -13.80
C ALA B 261 -17.57 12.94 -12.39
N VAL B 262 -17.46 11.61 -12.23
CA VAL B 262 -17.46 10.95 -10.93
C VAL B 262 -16.02 10.70 -10.50
N ASP B 263 -15.18 10.26 -11.46
CA ASP B 263 -13.79 9.93 -11.19
C ASP B 263 -13.04 9.91 -12.51
N THR B 264 -12.15 10.88 -12.74
CA THR B 264 -11.48 10.98 -14.04
C THR B 264 -10.28 10.05 -14.14
N THR B 265 -9.98 9.30 -13.08
CA THR B 265 -8.80 8.44 -13.12
C THR B 265 -8.97 7.42 -14.25
N GLY B 266 -7.91 7.23 -15.02
CA GLY B 266 -7.89 6.24 -16.08
C GLY B 266 -8.47 6.72 -17.39
N ALA B 267 -8.95 7.96 -17.48
CA ALA B 267 -9.63 8.42 -18.67
C ALA B 267 -8.70 8.47 -19.87
N GLY B 268 -7.46 8.87 -19.65
CA GLY B 268 -6.51 8.94 -20.74
C GLY B 268 -6.29 7.55 -21.38
N ASP B 269 -6.17 6.54 -20.54
CA ASP B 269 -5.89 5.20 -21.04
C ASP B 269 -7.15 4.68 -21.76
N SER B 270 -8.35 5.06 -21.29
CA SER B 270 -9.58 4.69 -21.99
C SER B 270 -9.55 5.27 -23.40
N PHE B 271 -9.18 6.54 -23.52
CA PHE B 271 -9.09 7.21 -24.78
C PHE B 271 -8.12 6.47 -25.70
N VAL B 272 -6.93 6.15 -25.22
CA VAL B 272 -5.91 5.55 -26.06
C VAL B 272 -6.36 4.15 -26.48
N GLY B 273 -6.96 3.38 -25.56
CA GLY B 273 -7.45 2.04 -25.89
C GLY B 273 -8.55 2.11 -26.91
N ALA B 274 -9.44 3.08 -26.80
CA ALA B 274 -10.49 3.25 -27.79
C ALA B 274 -9.89 3.59 -29.13
N LEU B 275 -8.95 4.51 -29.19
CA LEU B 275 -8.30 4.86 -30.43
C LEU B 275 -7.63 3.64 -31.05
N ALA B 276 -6.93 2.82 -30.26
CA ALA B 276 -6.34 1.60 -30.80
C ALA B 276 -7.38 0.71 -31.45
N PHE B 277 -8.54 0.59 -30.79
CA PHE B 277 -9.62 -0.24 -31.31
C PHE B 277 -10.07 0.31 -32.66
N TYR B 278 -10.26 1.64 -32.77
CA TYR B 278 -10.75 2.17 -34.04
C TYR B 278 -9.69 2.10 -35.14
N LEU B 279 -8.41 2.32 -34.82
CA LEU B 279 -7.34 2.20 -35.79
C LEU B 279 -7.30 0.77 -36.37
N ALA B 280 -7.57 -0.20 -35.50
CA ALA B 280 -7.43 -1.59 -35.90
C ALA B 280 -8.67 -2.07 -36.67
N TYR B 281 -9.87 -1.69 -36.20
CA TYR B 281 -11.11 -2.29 -36.70
C TYR B 281 -11.92 -1.38 -37.61
N TYR B 282 -11.67 -0.07 -37.59
CA TYR B 282 -12.39 0.91 -38.36
C TYR B 282 -11.43 1.80 -39.15
N PRO B 283 -10.47 1.23 -39.90
CA PRO B 283 -9.39 2.01 -40.51
C PRO B 283 -9.89 3.04 -41.51
N ASN B 284 -11.08 2.82 -42.08
CA ASN B 284 -11.60 3.76 -43.08
C ASN B 284 -12.34 4.96 -42.49
N LEU B 285 -12.56 5.01 -41.17
CA LEU B 285 -13.10 6.22 -40.56
C LEU B 285 -12.06 7.31 -40.68
N SER B 286 -12.51 8.58 -40.78
CA SER B 286 -11.61 9.71 -40.68
C SER B 286 -11.00 9.73 -39.28
N LEU B 287 -9.83 10.35 -39.16
CA LEU B 287 -9.21 10.53 -37.86
C LEU B 287 -10.14 11.34 -36.96
N GLU B 288 -10.77 12.39 -37.50
CA GLU B 288 -11.68 13.20 -36.71
C GLU B 288 -12.82 12.37 -36.13
N ASP B 289 -13.39 11.45 -36.93
CA ASP B 289 -14.47 10.58 -36.46
C ASP B 289 -13.93 9.64 -35.37
N MET B 290 -12.79 8.98 -35.60
CA MET B 290 -12.19 8.12 -34.57
C MET B 290 -12.02 8.89 -33.26
N LEU B 291 -11.61 10.17 -33.35
CA LEU B 291 -11.34 10.94 -32.14
C LEU B 291 -12.65 11.34 -31.44
N ASN B 292 -13.68 11.70 -32.18
CA ASN B 292 -14.98 11.95 -31.58
C ASN B 292 -15.44 10.73 -30.79
N ARG B 293 -15.32 9.54 -31.37
CA ARG B 293 -15.79 8.31 -30.74
C ARG B 293 -14.97 8.01 -29.48
N SER B 294 -13.66 8.18 -29.61
CA SER B 294 -12.76 7.90 -28.49
C SER B 294 -12.99 8.90 -27.37
N ASN B 295 -13.18 10.19 -27.71
CA ASN B 295 -13.52 11.21 -26.72
C ASN B 295 -14.77 10.77 -25.97
N PHE B 296 -15.77 10.23 -26.69
CA PHE B 296 -17.04 9.86 -26.07
C PHE B 296 -16.85 8.69 -25.09
N ILE B 297 -16.10 7.68 -25.52
CA ILE B 297 -15.87 6.50 -24.69
C ILE B 297 -15.12 6.87 -23.42
N ALA B 298 -14.08 7.71 -23.54
CA ALA B 298 -13.34 8.15 -22.35
C ALA B 298 -14.22 8.97 -21.41
N ALA B 299 -15.14 9.76 -21.98
CA ALA B 299 -16.10 10.51 -21.18
C ALA B 299 -17.11 9.60 -20.48
N VAL B 300 -17.35 8.39 -20.99
CA VAL B 300 -18.16 7.45 -20.24
C VAL B 300 -17.37 6.96 -19.03
N SER B 301 -16.07 6.68 -19.26
CA SER B 301 -15.25 6.15 -18.17
C SER B 301 -15.23 7.10 -16.96
N VAL B 302 -15.26 8.42 -17.21
CA VAL B 302 -15.13 9.36 -16.11
C VAL B 302 -16.40 9.38 -15.24
N GLN B 303 -17.48 8.78 -15.75
CA GLN B 303 -18.74 8.78 -15.05
C GLN B 303 -18.89 7.58 -14.11
N ALA B 304 -17.82 6.81 -13.92
CA ALA B 304 -17.82 5.75 -12.93
C ALA B 304 -16.52 5.74 -12.13
N ALA B 305 -16.63 5.23 -10.89
CA ALA B 305 -15.50 5.18 -9.97
C ALA B 305 -14.51 4.13 -10.46
N GLY B 306 -13.25 4.40 -10.21
CA GLY B 306 -12.20 3.43 -10.46
C GLY B 306 -11.62 3.61 -11.85
N THR B 307 -10.59 2.82 -12.12
CA THR B 307 -9.90 2.89 -13.38
C THR B 307 -10.47 1.80 -14.31
N GLN B 308 -9.96 0.57 -14.27
CA GLN B 308 -10.44 -0.42 -15.23
C GLN B 308 -11.93 -0.75 -15.03
N SER B 309 -12.41 -0.67 -13.80
CA SER B 309 -13.81 -0.94 -13.49
C SER B 309 -14.74 -0.01 -14.27
N SER B 310 -14.25 1.18 -14.62
CA SER B 310 -15.07 2.20 -15.25
C SER B 310 -15.14 2.04 -16.77
N TYR B 311 -14.28 1.19 -17.35
CA TYR B 311 -14.18 1.15 -18.80
C TYR B 311 -15.39 0.44 -19.40
N PRO B 312 -16.14 1.10 -20.30
CA PRO B 312 -17.37 0.52 -20.83
C PRO B 312 -17.12 -0.62 -21.84
N TYR B 313 -18.10 -1.53 -21.82
CA TYR B 313 -18.24 -2.59 -22.81
C TYR B 313 -19.07 -2.10 -23.99
N LYS B 314 -18.75 -2.65 -25.16
CA LYS B 314 -19.54 -2.42 -26.37
C LYS B 314 -21.04 -2.52 -26.15
N LYS B 315 -21.52 -3.54 -25.40
CA LYS B 315 -22.94 -3.78 -25.25
C LYS B 315 -23.65 -2.67 -24.46
N ASP B 316 -22.88 -1.88 -23.69
CA ASP B 316 -23.44 -0.83 -22.86
C ASP B 316 -23.27 0.55 -23.49
N LEU B 317 -22.78 0.60 -24.74
CA LEU B 317 -22.51 1.86 -25.43
C LEU B 317 -23.49 2.07 -26.58
N PRO B 318 -23.68 3.33 -27.04
CA PRO B 318 -24.58 3.57 -28.17
C PRO B 318 -24.17 2.87 -29.46
N LEU B 319 -25.16 2.32 -30.18
CA LEU B 319 -24.93 1.57 -31.40
C LEU B 319 -24.14 2.38 -32.44
N THR B 320 -24.33 3.70 -32.47
CA THR B 320 -23.70 4.56 -33.47
C THR B 320 -22.17 4.54 -33.39
N LEU B 321 -21.60 4.13 -32.24
CA LEU B 321 -20.16 4.08 -32.10
C LEU B 321 -19.54 2.95 -32.91
N PHE B 322 -20.39 2.00 -33.35
CA PHE B 322 -19.93 0.81 -34.05
C PHE B 322 -20.64 0.74 -35.41
C1 GOL C . 2.02 -1.24 10.79
O1 GOL C . 3.26 -1.03 10.11
C2 GOL C . 2.27 -1.26 12.28
O2 GOL C . 2.97 -2.47 12.59
C3 GOL C . 1.03 -1.12 13.14
O3 GOL C . 1.15 0.04 13.95
C1 GOL D . 4.34 1.94 23.50
O1 GOL D . 3.13 2.18 22.79
C2 GOL D . 4.95 0.60 23.19
O2 GOL D . 5.15 0.44 21.78
C3 GOL D . 6.29 0.44 23.92
O3 GOL D . 7.14 1.55 23.59
K K E . 14.10 -3.62 14.17
C1 GOL F . -2.36 10.95 -22.42
O1 GOL F . -1.17 10.41 -21.91
C2 GOL F . -3.36 9.86 -22.61
O2 GOL F . -3.58 9.24 -21.34
C3 GOL F . -4.67 10.39 -23.15
O3 GOL F . -5.14 11.49 -22.37
K K G . -13.17 6.42 -14.02
#